data_5ID1
#
_entry.id   5ID1
#
_cell.length_a   64.160
_cell.length_b   83.160
_cell.length_c   212.580
_cell.angle_alpha   90.00
_cell.angle_beta   90.00
_cell.angle_gamma   90.00
#
_symmetry.space_group_name_H-M   'P 21 21 21'
#
loop_
_entity.id
_entity.type
_entity.pdbx_description
1 polymer 'Cetuximab Fab light chain'
2 polymer 'Cetuximab Fab heavy chain'
3 polymer Meditope
4 non-polymer 2-acetamido-2-deoxy-beta-D-glucopyranose
5 non-polymer 'PHOSPHATE ION'
6 water water
#
loop_
_entity_poly.entity_id
_entity_poly.type
_entity_poly.pdbx_seq_one_letter_code
_entity_poly.pdbx_strand_id
1 'polypeptide(L)'
;DILLTQSPVILSVSPGERVSFSCRASQSIGTNIHWYQQRTNGSPRLLIKYASESISGIPSRFSGSGSGTDFTLSINSVES
EDIADYYCQQNNNWPTTFGAGTKLELKRTVAAPSVFIFPPSDEQLKSGTASVVCLLNNFYPREAKVQWKVDNALQSGNSQ
ESVTEQDSKDSTYSLSSTLTLSKADYEKHKVYACEVTHQGLSSPVTKSFNRGA
;
A,C
2 'polypeptide(L)'
;QVQLKQSGPGLVQPSQSLSITCTVSGFSLTNYGVHWVRQSPGKGLEWLGVIWSGGNTDYNTPFTSRLSINKDNSKSQVFF
KMNSLQSNDTAIYYCARALTYYDYEFAYWGQGTLVTVSAASTKGPSVFPLAPSSKSTSGGTAALGCLVKDYFPEPVTVSW
NSGALTSGVHTFPAVLQSSGLYSLSSVVTVPSSSLGTQTYICNVNHKPSNTKVDKRVEPKS
;
B,D
3 'polypeptide(L)' (MPT)QFDLSTRRLKC E,F
#
loop_
_chem_comp.id
_chem_comp.type
_chem_comp.name
_chem_comp.formula
MPT non-polymer 'BETA-MERCAPTOPROPIONIC ACID' 'C3 H6 O2 S'
NAG D-saccharide, beta linking 2-acetamido-2-deoxy-beta-D-glucopyranose 'C8 H15 N O6'
PO4 non-polymer 'PHOSPHATE ION' 'O4 P -3'
#
# COMPACT_ATOMS: atom_id res chain seq x y z
N ASP A 1 -29.66 -11.07 6.50
CA ASP A 1 -28.83 -10.29 7.42
C ASP A 1 -28.25 -9.06 6.73
N ILE A 2 -27.90 -8.04 7.52
CA ILE A 2 -27.23 -6.87 6.98
C ILE A 2 -25.79 -7.20 6.57
N LEU A 3 -25.44 -6.92 5.31
CA LEU A 3 -24.07 -7.04 4.85
C LEU A 3 -23.35 -5.73 5.13
N LEU A 4 -22.18 -5.83 5.74
CA LEU A 4 -21.36 -4.66 6.03
C LEU A 4 -20.10 -4.71 5.20
N THR A 5 -19.92 -3.69 4.36
CA THR A 5 -18.77 -3.66 3.47
C THR A 5 -17.74 -2.63 3.92
N GLN A 6 -16.60 -3.12 4.40
CA GLN A 6 -15.53 -2.24 4.83
C GLN A 6 -14.54 -2.05 3.70
N SER A 7 -14.02 -0.83 3.59
CA SER A 7 -13.04 -0.52 2.55
C SER A 7 -12.13 0.63 2.97
N PRO A 8 -10.87 0.62 2.51
CA PRO A 8 -10.30 -0.45 1.68
C PRO A 8 -9.95 -1.69 2.52
N VAL A 9 -9.36 -2.70 1.90
CA VAL A 9 -8.95 -3.88 2.64
C VAL A 9 -7.67 -3.57 3.41
N ILE A 10 -6.72 -2.93 2.75
CA ILE A 10 -5.49 -2.48 3.41
C ILE A 10 -5.33 -0.96 3.34
N LEU A 11 -5.01 -0.36 4.46
CA LEU A 11 -4.73 1.06 4.53
C LEU A 11 -3.28 1.27 4.94
N SER A 12 -2.54 2.03 4.14
CA SER A 12 -1.16 2.35 4.50
C SER A 12 -0.97 3.86 4.67
N VAL A 13 -0.50 4.26 5.85
CA VAL A 13 -0.27 5.68 6.14
C VAL A 13 1.06 5.88 6.86
N SER A 14 1.40 7.15 7.12
CA SER A 14 2.61 7.50 7.86
C SER A 14 2.20 8.07 9.20
N PRO A 15 3.06 7.95 10.23
CA PRO A 15 2.72 8.44 11.57
C PRO A 15 2.39 9.93 11.58
N GLY A 16 1.47 10.33 12.44
CA GLY A 16 1.07 11.73 12.54
C GLY A 16 0.02 12.11 11.53
N GLU A 17 -0.22 11.23 10.56
CA GLU A 17 -1.25 11.47 9.56
C GLU A 17 -2.64 11.12 10.09
N ARG A 18 -3.63 11.83 9.59
CA ARG A 18 -5.00 11.45 9.83
C ARG A 18 -5.30 10.21 9.00
N VAL A 19 -6.21 9.37 9.46
CA VAL A 19 -6.62 8.21 8.68
C VAL A 19 -8.11 7.90 8.91
N SER A 20 -8.77 7.39 7.86
CA SER A 20 -10.20 7.09 7.90
C SER A 20 -10.55 5.69 7.42
N PHE A 21 -11.42 5.01 8.17
CA PHE A 21 -11.92 3.69 7.76
C PHE A 21 -13.40 3.80 7.40
N SER A 22 -13.80 3.11 6.36
CA SER A 22 -15.17 3.21 5.88
C SER A 22 -15.89 1.89 6.13
N CYS A 23 -17.19 1.98 6.38
CA CYS A 23 -18.04 0.81 6.61
C CYS A 23 -19.40 1.11 5.99
N ARG A 24 -19.75 0.37 4.94
CA ARG A 24 -21.05 0.59 4.30
C ARG A 24 -22.03 -0.55 4.53
N ALA A 25 -23.25 -0.18 4.91
CA ALA A 25 -24.31 -1.14 5.21
C ALA A 25 -25.25 -1.39 4.01
N SER A 26 -25.79 -2.59 3.93
CA SER A 26 -26.60 -3.01 2.77
C SER A 26 -27.99 -2.38 2.76
N GLN A 27 -28.38 -1.81 3.90
CA GLN A 27 -29.57 -0.96 3.98
C GLN A 27 -29.42 -0.08 5.23
N SER A 28 -30.20 0.98 5.32
CA SER A 28 -30.04 1.95 6.40
C SER A 28 -30.05 1.24 7.75
N ILE A 29 -29.09 1.57 8.61
CA ILE A 29 -29.06 1.02 9.97
C ILE A 29 -29.02 2.11 11.04
N GLY A 30 -29.43 3.33 10.65
CA GLY A 30 -29.44 4.47 11.55
C GLY A 30 -28.04 4.88 11.98
N THR A 31 -27.81 4.88 13.29
CA THR A 31 -26.48 5.07 13.84
C THR A 31 -26.09 3.87 14.68
N ASN A 32 -26.65 2.71 14.37
CA ASN A 32 -26.41 1.52 15.17
C ASN A 32 -25.20 0.73 14.66
N ILE A 33 -24.03 1.32 14.86
CA ILE A 33 -22.78 0.72 14.44
C ILE A 33 -21.75 0.87 15.57
N HIS A 34 -20.96 -0.17 15.77
CA HIS A 34 -19.87 -0.17 16.76
C HIS A 34 -18.56 -0.50 16.05
N TRP A 35 -17.45 0.01 16.58
CA TRP A 35 -16.15 -0.18 15.94
C TRP A 35 -15.19 -0.89 16.88
N TYR A 36 -14.36 -1.78 16.33
CA TYR A 36 -13.43 -2.54 17.15
C TYR A 36 -12.02 -2.54 16.61
N GLN A 37 -11.07 -2.64 17.54
CA GLN A 37 -9.67 -2.77 17.22
C GLN A 37 -9.25 -4.18 17.60
N GLN A 38 -8.51 -4.84 16.70
CA GLN A 38 -7.84 -6.09 17.09
C GLN A 38 -6.34 -6.02 16.81
N ARG A 39 -5.55 -6.16 17.87
CA ARG A 39 -4.09 -6.20 17.75
C ARG A 39 -3.59 -7.63 17.61
N THR A 40 -2.36 -7.80 17.11
CA THR A 40 -1.77 -9.14 16.95
C THR A 40 -1.98 -9.97 18.24
N ASN A 41 -2.59 -11.14 18.07
CA ASN A 41 -2.93 -12.06 19.16
C ASN A 41 -3.91 -11.55 20.20
N GLY A 42 -4.66 -10.51 19.84
CA GLY A 42 -5.61 -9.92 20.78
C GLY A 42 -7.04 -10.36 20.55
N SER A 43 -7.90 -9.97 21.50
CA SER A 43 -9.33 -10.08 21.32
C SER A 43 -9.75 -8.71 20.86
N PRO A 44 -10.96 -8.58 20.27
CA PRO A 44 -11.37 -7.25 19.83
C PRO A 44 -11.57 -6.28 21.01
N ARG A 45 -11.17 -5.03 20.79
CA ARG A 45 -11.30 -3.94 21.75
C ARG A 45 -12.29 -2.91 21.19
N LEU A 46 -13.34 -2.61 21.95
CA LEU A 46 -14.37 -1.64 21.56
C LEU A 46 -13.86 -0.20 21.58
N LEU A 47 -13.97 0.50 20.46
CA LEU A 47 -13.42 1.85 20.29
C LEU A 47 -14.48 2.94 20.32
N ILE A 48 -15.62 2.66 19.70
CA ILE A 48 -16.67 3.62 19.48
C ILE A 48 -17.98 2.85 19.48
N LYS A 49 -19.00 3.35 20.16
CA LYS A 49 -20.32 2.74 20.03
C LYS A 49 -21.31 3.74 19.45
N TYR A 50 -22.30 3.23 18.71
CA TYR A 50 -23.35 4.04 18.09
C TYR A 50 -22.76 5.18 17.28
N ALA A 51 -21.89 4.80 16.34
CA ALA A 51 -21.36 5.72 15.33
C ALA A 51 -20.38 6.74 15.86
N SER A 52 -20.61 7.31 17.04
CA SER A 52 -19.82 8.47 17.44
C SER A 52 -19.60 8.61 18.92
N GLU A 53 -20.30 7.81 19.71
CA GLU A 53 -20.19 7.91 21.16
C GLU A 53 -18.86 7.31 21.61
N SER A 54 -18.17 8.03 22.50
CA SER A 54 -16.82 7.66 22.91
C SER A 54 -16.82 6.56 23.98
N ILE A 55 -15.66 5.93 24.16
CA ILE A 55 -15.54 4.80 25.07
C ILE A 55 -14.48 5.13 26.12
N SER A 56 -14.79 4.83 27.38
CA SER A 56 -13.88 5.18 28.46
C SER A 56 -12.57 4.43 28.30
N GLY A 57 -11.46 5.16 28.32
CA GLY A 57 -10.16 4.55 28.21
C GLY A 57 -9.60 4.51 26.79
N ILE A 58 -10.41 4.93 25.82
CA ILE A 58 -9.97 4.96 24.42
C ILE A 58 -9.40 6.33 24.12
N PRO A 59 -8.17 6.36 23.59
CA PRO A 59 -7.48 7.61 23.22
C PRO A 59 -8.39 8.55 22.43
N SER A 60 -8.30 9.85 22.74
CA SER A 60 -9.23 10.81 22.16
C SER A 60 -9.04 10.97 20.65
N ARG A 61 -7.94 10.41 20.12
CA ARG A 61 -7.67 10.50 18.69
C ARG A 61 -8.57 9.60 17.85
N PHE A 62 -9.31 8.71 18.50
CA PHE A 62 -10.35 7.92 17.84
C PHE A 62 -11.71 8.62 17.86
N SER A 63 -12.33 8.74 16.69
CA SER A 63 -13.70 9.27 16.61
C SER A 63 -14.44 8.62 15.44
N GLY A 64 -15.77 8.65 15.50
CA GLY A 64 -16.56 8.14 14.38
C GLY A 64 -17.67 9.08 13.98
N SER A 65 -18.04 9.04 12.70
CA SER A 65 -19.23 9.72 12.22
C SER A 65 -20.02 8.84 11.28
N GLY A 66 -21.13 9.39 10.78
CA GLY A 66 -21.98 8.70 9.82
C GLY A 66 -23.35 8.32 10.34
N SER A 67 -24.28 8.11 9.41
CA SER A 67 -25.66 7.67 9.71
C SER A 67 -26.34 7.17 8.44
N GLY A 68 -27.14 6.12 8.57
CA GLY A 68 -27.78 5.54 7.39
C GLY A 68 -27.02 4.32 6.88
N THR A 69 -26.27 4.49 5.80
CA THR A 69 -25.51 3.36 5.23
C THR A 69 -23.99 3.57 5.18
N ASP A 70 -23.54 4.79 5.44
CA ASP A 70 -22.12 5.13 5.25
C ASP A 70 -21.49 5.66 6.56
N PHE A 71 -20.52 4.93 7.10
CA PHE A 71 -19.91 5.26 8.40
C PHE A 71 -18.40 5.36 8.33
N THR A 72 -17.83 6.14 9.25
CA THR A 72 -16.40 6.42 9.20
C THR A 72 -15.75 6.46 10.58
N LEU A 73 -14.73 5.63 10.77
CA LEU A 73 -13.89 5.67 11.97
C LEU A 73 -12.66 6.48 11.64
N SER A 74 -12.34 7.47 12.47
CA SER A 74 -11.18 8.31 12.18
C SER A 74 -10.12 8.25 13.26
N ILE A 75 -8.86 8.29 12.84
CA ILE A 75 -7.74 8.50 13.75
C ILE A 75 -7.03 9.77 13.32
N ASN A 76 -7.02 10.80 14.16
CA ASN A 76 -6.55 12.11 13.67
C ASN A 76 -5.04 12.23 13.50
N SER A 77 -4.28 11.59 14.38
CA SER A 77 -2.82 11.55 14.27
C SER A 77 -2.34 10.14 14.59
N VAL A 78 -2.08 9.36 13.54
CA VAL A 78 -1.79 7.92 13.68
C VAL A 78 -0.53 7.67 14.48
N GLU A 79 -0.65 6.79 15.47
CA GLU A 79 0.52 6.35 16.22
C GLU A 79 0.93 4.94 15.80
N SER A 80 2.12 4.51 16.20
CA SER A 80 2.64 3.20 15.82
C SER A 80 1.93 2.06 16.54
N GLU A 81 1.35 2.37 17.70
CA GLU A 81 0.59 1.38 18.47
C GLU A 81 -0.79 1.14 17.89
N ASP A 82 -1.14 1.88 16.84
CA ASP A 82 -2.45 1.75 16.20
C ASP A 82 -2.41 0.68 15.13
N ILE A 83 -1.24 0.09 14.91
CA ILE A 83 -1.11 -0.99 13.95
C ILE A 83 -2.01 -2.16 14.36
N ALA A 84 -2.99 -2.47 13.51
CA ALA A 84 -4.05 -3.41 13.87
C ALA A 84 -5.08 -3.58 12.75
N ASP A 85 -6.07 -4.44 13.00
CA ASP A 85 -7.22 -4.53 12.11
C ASP A 85 -8.39 -3.82 12.76
N TYR A 86 -9.28 -3.27 11.94
CA TYR A 86 -10.42 -2.53 12.46
C TYR A 86 -11.72 -3.08 11.90
N TYR A 87 -12.69 -3.30 12.78
CA TYR A 87 -13.96 -3.94 12.39
C TYR A 87 -15.16 -3.09 12.78
N CYS A 88 -16.16 -3.07 11.90
CA CYS A 88 -17.43 -2.48 12.27
C CYS A 88 -18.42 -3.60 12.57
N GLN A 89 -19.48 -3.24 13.30
CA GLN A 89 -20.54 -4.14 13.72
C GLN A 89 -21.85 -3.36 13.67
N GLN A 90 -22.88 -3.91 13.05
CA GLN A 90 -24.20 -3.27 13.11
C GLN A 90 -25.08 -4.02 14.10
N ASN A 91 -25.94 -3.29 14.81
CA ASN A 91 -26.96 -3.93 15.63
C ASN A 91 -28.35 -3.33 15.50
N ASN A 92 -28.64 -2.79 14.33
CA ASN A 92 -29.96 -2.29 14.05
C ASN A 92 -30.89 -3.46 13.74
N ASN A 93 -30.31 -4.51 13.18
CA ASN A 93 -31.09 -5.67 12.73
CA ASN A 93 -31.08 -5.67 12.73
C ASN A 93 -30.51 -6.96 13.28
N TRP A 94 -31.38 -7.81 13.81
CA TRP A 94 -30.98 -9.11 14.34
C TRP A 94 -30.79 -10.05 13.15
N PRO A 95 -29.66 -10.81 13.14
CA PRO A 95 -28.64 -10.79 14.19
C PRO A 95 -27.59 -9.72 13.95
N THR A 96 -26.86 -9.35 15.00
CA THR A 96 -25.77 -8.41 14.86
C THR A 96 -24.72 -9.03 13.91
N THR A 97 -24.23 -8.21 12.97
CA THR A 97 -23.24 -8.67 12.00
C THR A 97 -22.00 -7.76 12.01
N PHE A 98 -20.85 -8.33 11.64
CA PHE A 98 -19.60 -7.58 11.61
C PHE A 98 -19.11 -7.48 10.18
N GLY A 99 -18.35 -6.44 9.89
CA GLY A 99 -17.71 -6.30 8.59
C GLY A 99 -16.50 -7.21 8.52
N ALA A 100 -15.88 -7.27 7.34
CA ALA A 100 -14.71 -8.12 7.14
C ALA A 100 -13.39 -7.49 7.61
N GLY A 101 -13.44 -6.20 7.94
CA GLY A 101 -12.27 -5.53 8.51
C GLY A 101 -11.30 -4.83 7.56
N THR A 102 -10.59 -3.85 8.11
CA THR A 102 -9.56 -3.13 7.37
C THR A 102 -8.23 -3.26 8.11
N LYS A 103 -7.17 -3.62 7.40
CA LYS A 103 -5.83 -3.74 7.97
C LYS A 103 -5.11 -2.40 7.89
N LEU A 104 -4.59 -1.93 9.02
CA LEU A 104 -3.83 -0.69 9.04
C LEU A 104 -2.30 -0.91 9.07
N GLU A 105 -1.60 -0.42 8.05
CA GLU A 105 -0.15 -0.55 8.00
C GLU A 105 0.52 0.82 8.07
N LEU A 106 1.71 0.87 8.66
CA LEU A 106 2.42 2.13 8.85
C LEU A 106 3.71 2.17 8.06
N LYS A 107 3.83 3.17 7.18
CA LYS A 107 5.11 3.43 6.52
C LYS A 107 6.14 3.92 7.54
N ARG A 108 7.41 3.67 7.28
CA ARG A 108 8.47 4.27 8.06
C ARG A 108 9.66 4.29 7.16
N THR A 109 10.78 4.79 7.68
CA THR A 109 12.03 4.84 6.93
C THR A 109 12.59 3.44 6.75
N VAL A 110 13.31 3.25 5.64
CA VAL A 110 14.01 1.99 5.37
C VAL A 110 14.97 1.60 6.51
N ALA A 111 14.85 0.36 6.98
CA ALA A 111 15.76 -0.16 7.99
C ALA A 111 16.31 -1.49 7.51
N ALA A 112 17.63 -1.56 7.35
CA ALA A 112 18.31 -2.80 7.02
C ALA A 112 18.13 -3.82 8.15
N PRO A 113 17.99 -5.11 7.80
CA PRO A 113 17.92 -6.19 8.79
C PRO A 113 19.26 -6.44 9.48
N SER A 114 19.23 -6.82 10.75
CA SER A 114 20.39 -7.44 11.37
C SER A 114 20.26 -8.95 11.17
N VAL A 115 21.32 -9.58 10.67
CA VAL A 115 21.28 -11.00 10.32
C VAL A 115 22.10 -11.88 11.25
N PHE A 116 21.44 -12.91 11.78
CA PHE A 116 22.08 -13.88 12.64
C PHE A 116 21.76 -15.27 12.12
N ILE A 117 22.74 -16.19 12.22
CA ILE A 117 22.54 -17.57 11.80
C ILE A 117 22.81 -18.53 12.96
N PHE A 118 21.93 -19.51 13.13
CA PHE A 118 22.07 -20.49 14.21
C PHE A 118 22.16 -21.92 13.65
N PRO A 119 23.27 -22.60 13.94
CA PRO A 119 23.42 -24.03 13.61
C PRO A 119 22.47 -24.85 14.48
N PRO A 120 22.20 -26.10 14.07
CA PRO A 120 21.35 -26.99 14.87
C PRO A 120 22.00 -27.32 16.19
N SER A 121 21.19 -27.47 17.23
CA SER A 121 21.71 -27.86 18.54
C SER A 121 22.07 -29.34 18.47
N ASP A 122 23.11 -29.71 19.22
CA ASP A 122 23.45 -31.13 19.37
C ASP A 122 22.28 -31.94 19.95
N GLU A 123 21.41 -31.29 20.73
CA GLU A 123 20.24 -31.98 21.26
C GLU A 123 19.33 -32.42 20.12
N GLN A 124 19.15 -31.56 19.14
CA GLN A 124 18.25 -31.88 18.04
C GLN A 124 18.86 -32.95 17.14
N LEU A 125 20.18 -32.89 16.96
CA LEU A 125 20.86 -33.87 16.12
C LEU A 125 20.69 -35.31 16.62
N LYS A 126 20.56 -35.48 17.94
CA LYS A 126 20.20 -36.78 18.52
C LYS A 126 18.88 -37.32 17.95
N SER A 127 17.99 -36.42 17.55
CA SER A 127 16.68 -36.83 17.05
C SER A 127 16.66 -37.19 15.57
N GLY A 128 17.79 -37.00 14.88
CA GLY A 128 17.86 -37.37 13.47
C GLY A 128 17.42 -36.29 12.49
N THR A 129 17.29 -35.07 12.98
CA THR A 129 16.89 -33.94 12.14
C THR A 129 17.73 -32.71 12.49
N ALA A 130 18.06 -31.93 11.45
CA ALA A 130 18.82 -30.70 11.62
C ALA A 130 18.04 -29.48 11.11
N SER A 131 17.87 -28.50 11.99
CA SER A 131 17.27 -27.22 11.64
C SER A 131 18.33 -26.14 11.70
N VAL A 132 18.52 -25.41 10.61
CA VAL A 132 19.42 -24.28 10.61
C VAL A 132 18.54 -23.04 10.49
N VAL A 133 18.69 -22.09 11.40
CA VAL A 133 17.80 -20.95 11.42
C VAL A 133 18.54 -19.69 11.05
N CYS A 134 17.91 -18.87 10.21
CA CYS A 134 18.46 -17.57 9.86
C CYS A 134 17.49 -16.45 10.23
N LEU A 135 17.99 -15.52 11.03
CA LEU A 135 17.18 -14.44 11.59
C LEU A 135 17.48 -13.07 10.97
N LEU A 136 16.43 -12.41 10.48
CA LEU A 136 16.53 -11.07 9.95
C LEU A 136 15.74 -10.21 10.89
N ASN A 137 16.43 -9.32 11.60
CA ASN A 137 15.80 -8.66 12.71
C ASN A 137 15.56 -7.17 12.46
N ASN A 138 14.36 -6.73 12.78
CA ASN A 138 14.00 -5.30 12.78
C ASN A 138 14.28 -4.55 11.48
N PHE A 139 13.64 -4.98 10.38
CA PHE A 139 13.86 -4.37 9.09
C PHE A 139 12.57 -3.75 8.56
N TYR A 140 12.71 -2.87 7.58
CA TYR A 140 11.58 -2.28 6.88
C TYR A 140 12.06 -1.84 5.50
N PRO A 141 11.26 -2.10 4.45
CA PRO A 141 9.93 -2.72 4.47
C PRO A 141 10.03 -4.23 4.45
N ARG A 142 8.87 -4.88 4.32
CA ARG A 142 8.73 -6.32 4.48
C ARG A 142 9.44 -7.19 3.43
N GLU A 143 9.59 -6.69 2.22
CA GLU A 143 10.24 -7.49 1.18
C GLU A 143 11.68 -7.85 1.55
N ALA A 144 12.00 -9.13 1.46
CA ALA A 144 13.36 -9.63 1.71
C ALA A 144 13.54 -10.95 1.00
N LYS A 145 14.79 -11.28 0.68
CA LYS A 145 15.11 -12.56 0.10
C LYS A 145 16.13 -13.27 0.98
N VAL A 146 15.85 -14.53 1.30
CA VAL A 146 16.82 -15.36 1.98
C VAL A 146 17.19 -16.48 1.02
N GLN A 147 18.48 -16.61 0.76
CA GLN A 147 18.98 -17.66 -0.08
C GLN A 147 19.95 -18.54 0.71
N TRP A 148 19.65 -19.83 0.73
CA TRP A 148 20.46 -20.80 1.44
C TRP A 148 21.43 -21.49 0.50
N LYS A 149 22.63 -21.74 1.00
CA LYS A 149 23.64 -22.48 0.27
C LYS A 149 24.32 -23.42 1.23
N VAL A 150 24.54 -24.65 0.77
CA VAL A 150 25.28 -25.63 1.53
C VAL A 150 26.41 -26.10 0.62
N ASP A 151 27.65 -25.84 1.04
CA ASP A 151 28.81 -26.18 0.22
C ASP A 151 28.64 -25.64 -1.21
N ASN A 152 28.33 -24.35 -1.34
CA ASN A 152 28.16 -23.71 -2.64
C ASN A 152 26.92 -24.17 -3.44
N ALA A 153 26.24 -25.22 -2.99
CA ALA A 153 25.00 -25.65 -3.66
C ALA A 153 23.77 -24.89 -3.15
N LEU A 154 23.02 -24.30 -4.09
CA LEU A 154 21.76 -23.62 -3.80
C LEU A 154 20.66 -24.54 -3.25
N GLN A 155 20.15 -24.24 -2.06
CA GLN A 155 19.03 -25.01 -1.50
C GLN A 155 17.69 -24.51 -2.02
N SER A 156 16.83 -25.44 -2.42
CA SER A 156 15.49 -25.06 -2.83
C SER A 156 14.43 -26.05 -2.35
N GLY A 157 13.39 -25.50 -1.74
CA GLY A 157 12.24 -26.31 -1.34
C GLY A 157 12.32 -26.80 0.10
N ASN A 158 13.50 -26.72 0.70
CA ASN A 158 13.69 -27.25 2.05
C ASN A 158 13.79 -26.17 3.14
N SER A 159 13.17 -25.02 2.88
CA SER A 159 13.17 -23.95 3.88
C SER A 159 11.78 -23.37 4.04
N GLN A 160 11.49 -22.84 5.23
CA GLN A 160 10.23 -22.11 5.46
C GLN A 160 10.48 -20.76 6.15
N GLU A 161 9.70 -19.76 5.78
CA GLU A 161 9.78 -18.44 6.38
C GLU A 161 8.58 -18.11 7.23
N SER A 162 8.83 -17.43 8.34
CA SER A 162 7.77 -16.80 9.12
C SER A 162 8.17 -15.34 9.36
N VAL A 163 7.19 -14.45 9.27
CA VAL A 163 7.39 -13.01 9.43
C VAL A 163 6.47 -12.45 10.50
N THR A 164 7.01 -11.70 11.45
CA THR A 164 6.18 -11.07 12.47
C THR A 164 5.25 -10.02 11.86
N GLU A 165 4.17 -9.70 12.56
CA GLU A 165 3.42 -8.50 12.22
C GLU A 165 4.29 -7.29 12.54
N GLN A 166 3.84 -6.12 12.12
CA GLN A 166 4.61 -4.91 12.40
C GLN A 166 4.74 -4.63 13.90
N ASP A 167 5.97 -4.34 14.33
CA ASP A 167 6.20 -3.97 15.72
C ASP A 167 5.38 -2.72 16.12
N SER A 168 4.80 -2.76 17.31
CA SER A 168 3.91 -1.69 17.72
C SER A 168 4.69 -0.42 18.11
N LYS A 169 6.01 -0.55 18.27
CA LYS A 169 6.83 0.54 18.75
C LYS A 169 7.70 1.18 17.68
N ASP A 170 8.44 0.35 16.95
CA ASP A 170 9.35 0.86 15.91
C ASP A 170 8.87 0.57 14.47
N SER A 171 7.72 -0.09 14.34
CA SER A 171 7.09 -0.37 13.04
C SER A 171 7.88 -1.28 12.07
N THR A 172 8.85 -2.02 12.59
CA THR A 172 9.66 -2.92 11.77
C THR A 172 9.11 -4.36 11.70
N TYR A 173 9.67 -5.16 10.81
CA TYR A 173 9.32 -6.55 10.77
C TYR A 173 10.53 -7.37 11.20
N SER A 174 10.29 -8.63 11.58
CA SER A 174 11.39 -9.57 11.75
C SER A 174 11.03 -10.86 11.05
N LEU A 175 12.04 -11.54 10.53
CA LEU A 175 11.80 -12.74 9.73
C LEU A 175 12.75 -13.84 10.16
N SER A 176 12.23 -15.06 10.19
CA SER A 176 13.07 -16.22 10.38
C SER A 176 12.97 -17.10 9.15
N SER A 177 14.11 -17.59 8.68
CA SER A 177 14.15 -18.63 7.65
C SER A 177 14.79 -19.90 8.23
N THR A 178 14.05 -21.01 8.22
CA THR A 178 14.53 -22.27 8.77
C THR A 178 14.83 -23.26 7.63
N LEU A 179 16.08 -23.70 7.55
CA LEU A 179 16.48 -24.75 6.63
C LEU A 179 16.41 -26.08 7.36
N THR A 180 15.60 -27.02 6.85
CA THR A 180 15.47 -28.34 7.48
C THR A 180 16.11 -29.46 6.64
N LEU A 181 17.08 -30.14 7.24
CA LEU A 181 17.79 -31.26 6.63
C LEU A 181 17.71 -32.48 7.52
N SER A 182 17.84 -33.67 6.93
CA SER A 182 18.07 -34.89 7.67
C SER A 182 19.44 -34.80 8.32
N LYS A 183 19.63 -35.50 9.43
CA LYS A 183 20.92 -35.49 10.11
C LYS A 183 22.00 -36.03 9.20
N ALA A 184 21.63 -37.00 8.36
CA ALA A 184 22.60 -37.60 7.43
C ALA A 184 23.13 -36.58 6.42
N ASP A 185 22.23 -35.84 5.76
CA ASP A 185 22.65 -34.80 4.81
C ASP A 185 23.48 -33.73 5.52
N TYR A 186 23.06 -33.37 6.73
CA TYR A 186 23.76 -32.31 7.47
C TYR A 186 25.19 -32.72 7.81
N GLU A 187 25.35 -33.96 8.28
CA GLU A 187 26.67 -34.48 8.59
C GLU A 187 27.58 -34.60 7.35
N LYS A 188 26.98 -34.78 6.18
CA LYS A 188 27.74 -34.90 4.93
C LYS A 188 28.34 -33.58 4.40
N HIS A 189 27.84 -32.43 4.84
CA HIS A 189 28.33 -31.16 4.29
C HIS A 189 28.96 -30.27 5.35
N LYS A 190 29.59 -29.19 4.92
CA LYS A 190 30.37 -28.37 5.85
C LYS A 190 29.95 -26.91 5.99
N VAL A 191 29.89 -26.17 4.88
CA VAL A 191 29.65 -24.73 4.90
C VAL A 191 28.17 -24.41 4.74
N TYR A 192 27.57 -23.84 5.78
CA TYR A 192 26.15 -23.50 5.80
C TYR A 192 25.99 -21.99 5.74
N ALA A 193 25.41 -21.48 4.66
CA ALA A 193 25.35 -20.03 4.46
C ALA A 193 23.95 -19.53 4.16
N CYS A 194 23.60 -18.40 4.72
CA CYS A 194 22.36 -17.77 4.34
C CYS A 194 22.66 -16.35 3.87
N GLU A 195 22.26 -16.07 2.64
CA GLU A 195 22.46 -14.75 2.06
C GLU A 195 21.17 -13.95 2.06
N VAL A 196 21.25 -12.74 2.58
CA VAL A 196 20.08 -11.90 2.79
C VAL A 196 20.12 -10.68 1.88
N THR A 197 19.06 -10.49 1.13
CA THR A 197 18.92 -9.36 0.22
C THR A 197 17.77 -8.49 0.69
N HIS A 198 18.01 -7.18 0.83
CA HIS A 198 17.00 -6.24 1.28
C HIS A 198 17.33 -4.82 0.79
N GLN A 199 16.29 -4.01 0.66
CA GLN A 199 16.42 -2.62 0.20
C GLN A 199 17.38 -1.75 1.04
N GLY A 200 17.44 -1.97 2.35
CA GLY A 200 18.34 -1.21 3.21
C GLY A 200 19.80 -1.65 3.21
N LEU A 201 20.13 -2.66 2.41
CA LEU A 201 21.52 -3.07 2.27
C LEU A 201 22.02 -2.71 0.87
N SER A 202 23.21 -2.15 0.80
CA SER A 202 23.74 -1.76 -0.49
C SER A 202 24.27 -2.99 -1.21
N SER A 203 24.51 -4.06 -0.47
CA SER A 203 24.84 -5.34 -1.10
C SER A 203 24.35 -6.49 -0.21
N PRO A 204 24.27 -7.72 -0.75
CA PRO A 204 23.70 -8.76 0.11
C PRO A 204 24.65 -9.15 1.23
N VAL A 205 24.06 -9.53 2.35
CA VAL A 205 24.80 -9.90 3.55
C VAL A 205 24.75 -11.41 3.77
N THR A 206 25.91 -12.03 3.92
CA THR A 206 25.94 -13.45 4.18
C THR A 206 26.40 -13.73 5.60
N LYS A 207 25.64 -14.57 6.31
CA LYS A 207 26.09 -15.15 7.58
C LYS A 207 26.26 -16.65 7.38
N SER A 208 27.36 -17.21 7.86
CA SER A 208 27.62 -18.61 7.62
C SER A 208 28.39 -19.24 8.77
N PHE A 209 28.40 -20.56 8.82
CA PHE A 209 29.26 -21.28 9.76
C PHE A 209 29.75 -22.56 9.10
N ASN A 210 30.85 -23.11 9.63
CA ASN A 210 31.31 -24.42 9.23
C ASN A 210 30.92 -25.40 10.34
N ARG A 211 30.16 -26.44 9.99
CA ARG A 211 29.80 -27.48 10.95
C ARG A 211 31.03 -27.96 11.72
N GLY A 212 31.05 -27.74 13.04
CA GLY A 212 32.22 -28.04 13.86
C GLY A 212 33.33 -27.00 13.79
N GLN B 1 -11.77 -5.38 38.64
CA GLN B 1 -12.09 -5.15 37.22
C GLN B 1 -13.04 -6.20 36.65
N VAL B 2 -13.75 -5.87 35.59
CA VAL B 2 -14.57 -6.84 34.87
C VAL B 2 -13.71 -7.75 34.00
N GLN B 3 -13.80 -9.07 34.19
CA GLN B 3 -13.01 -10.00 33.39
C GLN B 3 -13.79 -11.24 32.95
N LEU B 4 -13.39 -11.81 31.81
CA LEU B 4 -13.90 -13.09 31.36
C LEU B 4 -12.71 -14.02 31.05
N LYS B 5 -12.68 -15.19 31.67
CA LYS B 5 -11.55 -16.11 31.50
C LYS B 5 -12.04 -17.45 30.99
N GLN B 6 -11.75 -17.75 29.73
CA GLN B 6 -12.23 -18.97 29.09
C GLN B 6 -11.32 -20.17 29.33
N SER B 7 -11.89 -21.37 29.18
CA SER B 7 -11.10 -22.59 29.27
C SER B 7 -10.11 -22.75 28.09
N GLY B 8 -9.09 -23.60 28.28
CA GLY B 8 -7.96 -23.70 27.38
C GLY B 8 -8.20 -24.23 25.96
N PRO B 9 -7.29 -23.89 25.04
CA PRO B 9 -7.41 -24.23 23.62
C PRO B 9 -7.26 -25.73 23.36
N GLY B 10 -7.85 -26.22 22.28
CA GLY B 10 -7.78 -27.65 22.04
C GLY B 10 -8.39 -28.24 20.79
N LEU B 11 -8.02 -29.50 20.58
CA LEU B 11 -8.45 -30.33 19.48
C LEU B 11 -9.89 -30.83 19.68
N VAL B 12 -10.66 -30.88 18.60
CA VAL B 12 -11.94 -31.57 18.60
C VAL B 12 -12.05 -32.44 17.35
N GLN B 13 -12.36 -33.72 17.52
CA GLN B 13 -12.51 -34.64 16.40
C GLN B 13 -13.71 -34.25 15.52
N PRO B 14 -13.58 -34.46 14.19
CA PRO B 14 -14.71 -34.15 13.31
C PRO B 14 -15.98 -34.87 13.75
N SER B 15 -17.10 -34.14 13.73
CA SER B 15 -18.43 -34.62 14.15
C SER B 15 -18.60 -34.79 15.67
N GLN B 16 -17.58 -34.44 16.44
CA GLN B 16 -17.72 -34.40 17.89
C GLN B 16 -18.14 -33.00 18.33
N SER B 17 -18.33 -32.85 19.64
CA SER B 17 -18.85 -31.62 20.19
C SER B 17 -17.77 -30.77 20.88
N LEU B 18 -17.96 -29.45 20.82
CA LEU B 18 -17.06 -28.49 21.45
C LEU B 18 -17.65 -27.93 22.75
N SER B 19 -16.86 -27.91 23.82
CA SER B 19 -17.29 -27.40 25.11
C SER B 19 -16.33 -26.36 25.65
N ILE B 20 -16.85 -25.18 25.98
CA ILE B 20 -16.01 -24.12 26.54
C ILE B 20 -16.68 -23.53 27.76
N THR B 21 -15.88 -23.25 28.78
CA THR B 21 -16.37 -22.61 29.99
C THR B 21 -15.86 -21.18 30.08
N CYS B 22 -16.78 -20.25 30.31
CA CYS B 22 -16.45 -18.85 30.54
C CYS B 22 -16.65 -18.58 32.01
N THR B 23 -15.58 -18.27 32.72
CA THR B 23 -15.68 -17.86 34.13
C THR B 23 -15.51 -16.34 34.23
N VAL B 24 -16.47 -15.69 34.87
CA VAL B 24 -16.46 -14.24 34.94
C VAL B 24 -16.21 -13.74 36.36
N SER B 25 -15.75 -12.49 36.45
CA SER B 25 -15.56 -11.80 37.72
C SER B 25 -15.71 -10.29 37.54
N GLY B 26 -15.94 -9.58 38.63
CA GLY B 26 -16.18 -8.14 38.57
C GLY B 26 -17.61 -7.78 38.17
N PHE B 27 -18.47 -8.79 38.09
CA PHE B 27 -19.91 -8.60 37.85
C PHE B 27 -20.63 -9.91 38.07
N SER B 28 -21.95 -9.85 38.20
CA SER B 28 -22.74 -11.04 38.48
C SER B 28 -23.47 -11.47 37.22
N LEU B 29 -23.56 -12.79 37.02
CA LEU B 29 -24.24 -13.33 35.84
C LEU B 29 -25.73 -13.07 35.89
N THR B 30 -26.25 -12.77 37.09
CA THR B 30 -27.67 -12.42 37.24
C THR B 30 -27.98 -11.01 36.76
N ASN B 31 -26.94 -10.19 36.57
CA ASN B 31 -27.13 -8.81 36.10
C ASN B 31 -26.80 -8.57 34.63
N TYR B 32 -25.99 -9.45 34.03
CA TYR B 32 -25.59 -9.27 32.64
C TYR B 32 -25.75 -10.48 31.73
N GLY B 33 -25.96 -10.22 30.46
CA GLY B 33 -25.95 -11.28 29.47
C GLY B 33 -24.53 -11.64 29.07
N VAL B 34 -24.30 -12.91 28.72
CA VAL B 34 -23.01 -13.31 28.19
C VAL B 34 -23.16 -13.81 26.76
N HIS B 35 -22.44 -13.17 25.84
CA HIS B 35 -22.57 -13.49 24.42
C HIS B 35 -21.40 -14.35 23.97
N TRP B 36 -21.63 -15.10 22.90
CA TRP B 36 -20.58 -15.90 22.29
C TRP B 36 -20.37 -15.49 20.83
N VAL B 37 -19.11 -15.25 20.47
CA VAL B 37 -18.75 -14.80 19.14
C VAL B 37 -17.61 -15.67 18.65
N ARG B 38 -17.54 -15.95 17.36
CA ARG B 38 -16.38 -16.68 16.86
C ARG B 38 -15.69 -15.94 15.73
N GLN B 39 -14.47 -16.36 15.43
CA GLN B 39 -13.70 -15.69 14.39
C GLN B 39 -12.96 -16.73 13.53
N SER B 40 -13.42 -16.89 12.29
CA SER B 40 -12.87 -17.92 11.41
C SER B 40 -12.28 -17.32 10.15
N PRO B 41 -11.36 -18.06 9.50
CA PRO B 41 -10.83 -17.61 8.21
C PRO B 41 -11.93 -17.41 7.17
N GLY B 42 -12.84 -18.37 7.08
CA GLY B 42 -13.88 -18.32 6.07
C GLY B 42 -14.97 -17.29 6.27
N LYS B 43 -15.24 -16.91 7.51
CA LYS B 43 -16.39 -16.05 7.78
C LYS B 43 -16.14 -14.85 8.70
N GLY B 44 -14.90 -14.66 9.14
CA GLY B 44 -14.58 -13.59 10.06
C GLY B 44 -15.38 -13.70 11.35
N LEU B 45 -15.76 -12.56 11.91
CA LEU B 45 -16.53 -12.53 13.16
C LEU B 45 -18.03 -12.82 12.96
N GLU B 46 -18.52 -13.86 13.62
CA GLU B 46 -19.94 -14.19 13.57
C GLU B 46 -20.43 -14.15 14.99
N TRP B 47 -21.62 -13.59 15.18
CA TRP B 47 -22.24 -13.69 16.50
C TRP B 47 -22.96 -15.03 16.54
N LEU B 48 -22.76 -15.77 17.64
CA LEU B 48 -23.29 -17.12 17.77
C LEU B 48 -24.57 -17.18 18.62
N GLY B 49 -24.52 -16.56 19.79
CA GLY B 49 -25.66 -16.57 20.68
C GLY B 49 -25.39 -15.89 22.01
N VAL B 50 -26.35 -15.99 22.91
CA VAL B 50 -26.31 -15.28 24.18
C VAL B 50 -27.17 -15.99 25.23
N ILE B 51 -26.73 -16.00 26.48
CA ILE B 51 -27.60 -16.33 27.59
C ILE B 51 -27.84 -15.07 28.45
N TRP B 52 -29.10 -14.75 28.72
CA TRP B 52 -29.41 -13.51 29.43
C TRP B 52 -29.36 -13.71 30.94
N SER B 53 -29.40 -12.59 31.66
CA SER B 53 -29.53 -12.61 33.12
C SER B 53 -30.51 -13.68 33.61
N GLY B 54 -31.69 -13.69 33.03
CA GLY B 54 -32.76 -14.59 33.44
C GLY B 54 -32.72 -15.99 32.90
N GLY B 55 -31.68 -16.34 32.14
CA GLY B 55 -31.53 -17.70 31.66
C GLY B 55 -32.06 -18.02 30.26
N ASN B 56 -32.72 -17.04 29.65
CA ASN B 56 -33.21 -17.20 28.28
C ASN B 56 -32.04 -17.28 27.31
N THR B 57 -32.22 -18.01 26.21
CA THR B 57 -31.17 -18.07 25.22
C THR B 57 -31.65 -17.73 23.83
N ASP B 58 -30.80 -17.00 23.09
CA ASP B 58 -31.00 -16.74 21.69
C ASP B 58 -29.80 -17.31 20.93
N TYR B 59 -30.08 -18.06 19.87
CA TYR B 59 -29.02 -18.59 19.03
C TYR B 59 -29.16 -18.05 17.61
N ASN B 60 -28.05 -17.61 17.01
CA ASN B 60 -28.05 -17.18 15.61
C ASN B 60 -28.58 -18.32 14.72
N THR B 61 -29.35 -17.96 13.69
CA THR B 61 -30.10 -18.93 12.88
C THR B 61 -29.38 -20.23 12.42
N PRO B 62 -28.18 -20.11 11.82
CA PRO B 62 -27.46 -21.33 11.42
C PRO B 62 -27.07 -22.27 12.58
N PHE B 63 -27.26 -21.84 13.82
CA PHE B 63 -26.72 -22.61 14.95
C PHE B 63 -27.79 -23.14 15.91
N THR B 64 -29.06 -22.81 15.66
CA THR B 64 -30.16 -23.24 16.53
C THR B 64 -30.16 -24.74 16.87
N SER B 65 -29.91 -25.58 15.86
CA SER B 65 -29.92 -27.03 16.06
C SER B 65 -28.73 -27.55 16.87
N ARG B 66 -27.55 -27.00 16.65
CA ARG B 66 -26.36 -27.59 17.26
C ARG B 66 -25.73 -26.79 18.39
N LEU B 67 -26.40 -25.76 18.87
CA LEU B 67 -25.80 -24.91 19.87
C LEU B 67 -26.58 -24.95 21.18
N SER B 68 -25.85 -24.93 22.29
CA SER B 68 -26.48 -24.92 23.60
C SER B 68 -25.66 -24.10 24.59
N ILE B 69 -26.29 -23.09 25.22
CA ILE B 69 -25.61 -22.27 26.21
C ILE B 69 -26.26 -22.38 27.58
N ASN B 70 -25.47 -22.67 28.61
CA ASN B 70 -25.97 -22.80 29.99
C ASN B 70 -25.08 -22.04 30.93
N LYS B 71 -25.51 -21.94 32.19
CA LYS B 71 -24.71 -21.24 33.18
C LYS B 71 -25.02 -21.68 34.60
N ASP B 72 -24.13 -21.30 35.50
CA ASP B 72 -24.26 -21.53 36.92
C ASP B 72 -23.95 -20.19 37.57
N ASN B 73 -25.00 -19.41 37.86
CA ASN B 73 -24.83 -18.08 38.44
C ASN B 73 -23.93 -18.04 39.66
N SER B 74 -24.16 -18.97 40.59
CA SER B 74 -23.40 -18.99 41.84
C SER B 74 -21.89 -19.17 41.61
N LYS B 75 -21.54 -20.00 40.64
CA LYS B 75 -20.15 -20.27 40.30
C LYS B 75 -19.57 -19.25 39.29
N SER B 76 -20.39 -18.26 38.91
CA SER B 76 -20.02 -17.29 37.88
C SER B 76 -19.53 -17.96 36.60
N GLN B 77 -20.18 -19.05 36.19
CA GLN B 77 -19.74 -19.79 35.02
C GLN B 77 -20.76 -19.85 33.89
N VAL B 78 -20.31 -19.58 32.67
CA VAL B 78 -21.16 -19.78 31.50
C VAL B 78 -20.68 -20.97 30.66
N PHE B 79 -21.58 -21.88 30.31
CA PHE B 79 -21.20 -23.09 29.57
C PHE B 79 -21.66 -23.12 28.11
N PHE B 80 -20.69 -23.21 27.20
CA PHE B 80 -20.95 -23.22 25.77
C PHE B 80 -20.71 -24.62 25.22
N LYS B 81 -21.67 -25.13 24.47
CA LYS B 81 -21.52 -26.45 23.86
C LYS B 81 -22.09 -26.44 22.45
N MET B 82 -21.30 -26.91 21.50
CA MET B 82 -21.74 -26.99 20.11
C MET B 82 -21.54 -28.42 19.55
N ASN B 83 -22.57 -28.97 18.92
CA ASN B 83 -22.53 -30.34 18.44
C ASN B 83 -22.01 -30.48 17.01
N SER B 84 -21.48 -31.68 16.73
CA SER B 84 -21.03 -32.10 15.41
C SER B 84 -20.21 -31.08 14.63
N LEU B 85 -19.01 -30.83 15.11
CA LEU B 85 -18.11 -29.89 14.45
C LEU B 85 -17.54 -30.43 13.15
N GLN B 86 -17.45 -29.58 12.15
CA GLN B 86 -16.74 -29.92 10.94
C GLN B 86 -15.54 -29.00 10.86
N SER B 87 -14.73 -29.14 9.82
CA SER B 87 -13.45 -28.47 9.77
C SER B 87 -13.56 -26.95 9.65
N ASN B 88 -14.60 -26.46 8.98
CA ASN B 88 -14.80 -25.02 8.91
C ASN B 88 -15.40 -24.40 10.18
N ASP B 89 -15.44 -25.18 11.25
CA ASP B 89 -15.80 -24.67 12.56
C ASP B 89 -14.54 -24.40 13.35
N THR B 90 -13.40 -24.71 12.74
CA THR B 90 -12.11 -24.33 13.29
C THR B 90 -12.11 -22.82 13.31
N ALA B 91 -11.94 -22.25 14.51
CA ALA B 91 -12.06 -20.81 14.71
C ALA B 91 -11.59 -20.42 16.11
N ILE B 92 -11.44 -19.11 16.31
CA ILE B 92 -11.28 -18.60 17.66
C ILE B 92 -12.65 -18.28 18.25
N TYR B 93 -12.94 -18.90 19.38
CA TYR B 93 -14.19 -18.66 20.07
C TYR B 93 -13.99 -17.73 21.24
N TYR B 94 -14.91 -16.78 21.39
CA TYR B 94 -14.85 -15.80 22.46
C TYR B 94 -16.18 -15.73 23.19
N CYS B 95 -16.12 -15.55 24.51
CA CYS B 95 -17.29 -15.05 25.22
C CYS B 95 -17.14 -13.54 25.37
N ALA B 96 -18.24 -12.83 25.62
CA ALA B 96 -18.17 -11.38 25.73
C ALA B 96 -19.34 -10.80 26.52
N ARG B 97 -19.13 -9.63 27.10
CA ARG B 97 -20.18 -8.97 27.84
C ARG B 97 -20.41 -7.59 27.27
N ALA B 98 -21.68 -7.19 27.14
CA ALA B 98 -22.01 -5.86 26.65
C ALA B 98 -21.80 -4.81 27.74
N LEU B 99 -21.84 -3.53 27.33
CA LEU B 99 -21.78 -2.41 28.27
C LEU B 99 -23.01 -2.34 29.18
N THR B 100 -24.18 -2.62 28.62
CA THR B 100 -25.43 -2.57 29.37
C THR B 100 -26.15 -3.89 29.21
N TYR B 101 -26.99 -4.24 30.19
CA TYR B 101 -27.54 -5.60 30.28
C TYR B 101 -28.29 -6.15 29.05
N TYR B 102 -28.88 -5.29 28.25
CA TYR B 102 -29.76 -5.71 27.15
C TYR B 102 -29.11 -5.52 25.76
N ASP B 103 -27.90 -4.96 25.74
CA ASP B 103 -27.31 -4.43 24.51
C ASP B 103 -26.23 -5.36 23.93
N TYR B 104 -25.58 -4.91 22.86
CA TYR B 104 -24.72 -5.76 22.06
C TYR B 104 -23.41 -5.07 21.73
N GLU B 105 -23.07 -4.03 22.48
CA GLU B 105 -21.79 -3.38 22.23
C GLU B 105 -20.75 -3.97 23.19
N PHE B 106 -19.86 -4.80 22.63
CA PHE B 106 -19.03 -5.70 23.44
C PHE B 106 -17.76 -5.05 23.99
N ALA B 107 -17.84 -4.55 25.22
CA ALA B 107 -16.74 -3.78 25.79
C ALA B 107 -15.76 -4.70 26.50
N TYR B 108 -16.21 -5.90 26.84
CA TYR B 108 -15.36 -6.85 27.56
C TYR B 108 -15.36 -8.19 26.86
N TRP B 109 -14.16 -8.71 26.59
CA TRP B 109 -14.00 -10.02 25.93
C TRP B 109 -13.13 -11.02 26.70
N GLY B 110 -13.44 -12.31 26.54
CA GLY B 110 -12.57 -13.37 27.00
C GLY B 110 -11.34 -13.41 26.10
N GLN B 111 -10.32 -14.17 26.48
CA GLN B 111 -9.05 -14.12 25.73
C GLN B 111 -9.15 -14.97 24.46
N GLY B 112 -10.24 -15.70 24.36
CA GLY B 112 -10.50 -16.52 23.19
C GLY B 112 -9.91 -17.90 23.31
N THR B 113 -10.62 -18.89 22.78
CA THR B 113 -10.19 -20.27 22.80
C THR B 113 -9.98 -20.67 21.35
N LEU B 114 -8.75 -21.05 20.99
CA LEU B 114 -8.49 -21.49 19.62
C LEU B 114 -8.90 -22.94 19.46
N VAL B 115 -9.82 -23.19 18.55
CA VAL B 115 -10.38 -24.51 18.39
C VAL B 115 -9.98 -25.10 17.04
N THR B 116 -9.39 -26.29 17.08
CA THR B 116 -8.96 -26.97 15.88
C THR B 116 -9.76 -28.25 15.70
N VAL B 117 -10.45 -28.35 14.57
CA VAL B 117 -11.21 -29.54 14.27
C VAL B 117 -10.38 -30.44 13.35
N SER B 118 -9.98 -31.59 13.87
CA SER B 118 -9.09 -32.49 13.16
C SER B 118 -9.14 -33.89 13.75
N ALA B 119 -8.91 -34.87 12.90
CA ALA B 119 -8.89 -36.27 13.34
C ALA B 119 -7.50 -36.66 13.90
N ALA B 120 -6.54 -35.74 13.81
CA ALA B 120 -5.17 -35.99 14.23
C ALA B 120 -5.00 -36.16 15.73
N SER B 121 -3.81 -36.55 16.13
CA SER B 121 -3.50 -36.73 17.53
C SER B 121 -2.78 -35.51 18.08
N THR B 122 -3.04 -35.21 19.34
CA THR B 122 -2.29 -34.19 20.05
C THR B 122 -0.85 -34.62 20.18
N LYS B 123 0.06 -33.67 20.07
CA LYS B 123 1.48 -33.93 20.27
C LYS B 123 2.19 -32.68 20.82
N GLY B 124 2.86 -32.86 21.95
CA GLY B 124 3.69 -31.83 22.54
C GLY B 124 4.97 -31.61 21.75
N PRO B 125 5.52 -30.39 21.83
CA PRO B 125 6.73 -30.03 21.10
C PRO B 125 8.02 -30.44 21.84
N SER B 126 9.10 -30.55 21.07
CA SER B 126 10.44 -30.51 21.61
C SER B 126 10.90 -29.08 21.55
N VAL B 127 11.72 -28.68 22.53
CA VAL B 127 12.28 -27.35 22.58
C VAL B 127 13.80 -27.44 22.43
N PHE B 128 14.36 -26.72 21.47
CA PHE B 128 15.81 -26.71 21.24
C PHE B 128 16.37 -25.29 21.33
N PRO B 129 17.63 -25.16 21.77
CA PRO B 129 18.16 -23.80 21.89
C PRO B 129 18.70 -23.26 20.55
N LEU B 130 18.48 -21.98 20.34
CA LEU B 130 19.18 -21.20 19.32
C LEU B 130 20.22 -20.39 20.08
N ALA B 131 21.45 -20.89 20.06
CA ALA B 131 22.50 -20.38 20.91
C ALA B 131 23.22 -19.19 20.28
N PRO B 132 23.44 -18.13 21.08
CA PRO B 132 24.12 -16.89 20.67
C PRO B 132 25.51 -17.15 20.08
N GLY B 139 27.60 -5.53 17.03
CA GLY B 139 28.09 -4.41 17.81
C GLY B 139 27.63 -4.52 19.27
N GLY B 140 28.08 -5.57 19.93
CA GLY B 140 27.71 -5.82 21.32
C GLY B 140 26.30 -6.31 21.57
N THR B 141 25.53 -6.53 20.52
CA THR B 141 24.19 -7.08 20.67
C THR B 141 24.19 -8.54 20.25
N ALA B 142 23.73 -9.42 21.11
CA ALA B 142 23.68 -10.84 20.76
C ALA B 142 22.23 -11.26 20.54
N ALA B 143 22.01 -12.24 19.67
CA ALA B 143 20.66 -12.79 19.52
C ALA B 143 20.63 -14.24 19.95
N LEU B 144 19.54 -14.64 20.59
CA LEU B 144 19.41 -16.01 21.06
C LEU B 144 17.95 -16.39 21.06
N GLY B 145 17.65 -17.67 21.17
CA GLY B 145 16.26 -18.08 21.09
C GLY B 145 15.98 -19.54 21.33
N CYS B 146 14.74 -19.90 21.03
CA CYS B 146 14.20 -21.23 21.23
C CYS B 146 13.49 -21.72 19.97
N LEU B 147 13.86 -22.91 19.53
CA LEU B 147 13.14 -23.57 18.44
C LEU B 147 12.12 -24.53 19.03
N VAL B 148 10.84 -24.23 18.79
CA VAL B 148 9.72 -25.00 19.34
C VAL B 148 9.08 -25.83 18.24
N LYS B 149 9.43 -27.11 18.21
CA LYS B 149 9.26 -27.93 17.01
C LYS B 149 8.35 -29.14 17.17
N ASP B 150 7.50 -29.36 16.17
CA ASP B 150 6.74 -30.61 16.00
C ASP B 150 5.61 -30.79 17.01
N TYR B 151 4.67 -29.84 17.01
CA TYR B 151 3.53 -29.95 17.91
C TYR B 151 2.22 -29.82 17.15
N PHE B 152 1.18 -30.37 17.74
CA PHE B 152 -0.15 -30.25 17.20
C PHE B 152 -1.14 -30.38 18.37
N PRO B 153 -2.21 -29.57 18.35
CA PRO B 153 -2.42 -28.45 17.43
C PRO B 153 -1.80 -27.16 17.99
N GLU B 154 -2.05 -26.05 17.28
CA GLU B 154 -1.81 -24.69 17.80
C GLU B 154 -2.72 -24.46 19.01
N PRO B 155 -2.29 -23.63 19.97
CA PRO B 155 -1.09 -22.79 20.02
C PRO B 155 -0.11 -23.18 21.13
N VAL B 156 1.09 -22.60 21.05
CA VAL B 156 2.05 -22.66 22.13
C VAL B 156 2.18 -21.25 22.65
N THR B 157 2.32 -21.08 23.95
CA THR B 157 2.76 -19.79 24.45
C THR B 157 4.24 -19.89 24.75
N VAL B 158 4.94 -18.79 24.52
CA VAL B 158 6.33 -18.72 24.84
C VAL B 158 6.52 -17.40 25.53
N SER B 159 7.26 -17.42 26.63
CA SER B 159 7.71 -16.20 27.26
C SER B 159 9.19 -16.38 27.64
N TRP B 160 9.79 -15.32 28.14
CA TRP B 160 11.20 -15.32 28.49
C TRP B 160 11.40 -14.91 29.94
N ASN B 161 12.24 -15.67 30.63
CA ASN B 161 12.55 -15.44 32.05
C ASN B 161 11.32 -15.20 32.88
N SER B 162 10.32 -16.07 32.68
CA SER B 162 9.05 -16.02 33.39
C SER B 162 8.37 -14.69 33.28
N GLY B 163 8.48 -14.05 32.13
CA GLY B 163 7.72 -12.82 31.91
C GLY B 163 8.54 -11.58 32.18
N ALA B 164 9.66 -11.72 32.89
CA ALA B 164 10.52 -10.57 33.19
C ALA B 164 11.27 -9.99 31.98
N LEU B 165 11.53 -10.79 30.96
CA LEU B 165 12.20 -10.30 29.76
C LEU B 165 11.19 -10.20 28.59
N THR B 166 11.04 -9.00 28.03
CA THR B 166 10.04 -8.78 26.97
C THR B 166 10.56 -7.88 25.88
N SER B 167 11.48 -7.00 26.24
CA SER B 167 12.03 -6.08 25.28
C SER B 167 12.95 -6.80 24.29
N GLY B 168 12.63 -6.68 23.01
CA GLY B 168 13.47 -7.29 21.99
C GLY B 168 13.01 -8.68 21.64
N VAL B 169 11.93 -9.13 22.26
CA VAL B 169 11.42 -10.48 22.00
C VAL B 169 10.56 -10.55 20.75
N HIS B 170 10.88 -11.47 19.86
CA HIS B 170 10.04 -11.75 18.71
C HIS B 170 9.67 -13.22 18.72
N THR B 171 8.37 -13.51 18.81
CA THR B 171 7.89 -14.87 18.67
C THR B 171 7.17 -15.03 17.34
N PHE B 172 7.76 -15.79 16.43
CA PHE B 172 7.24 -15.85 15.08
C PHE B 172 5.92 -16.61 14.98
N PRO B 173 5.11 -16.28 13.96
CA PRO B 173 3.92 -17.07 13.69
C PRO B 173 4.31 -18.54 13.45
N ALA B 174 3.53 -19.46 13.99
CA ALA B 174 3.76 -20.87 13.74
C ALA B 174 3.54 -21.19 12.26
N VAL B 175 4.33 -22.13 11.74
CA VAL B 175 4.15 -22.60 10.37
C VAL B 175 3.93 -24.10 10.35
N LEU B 176 3.06 -24.53 9.46
CA LEU B 176 2.70 -25.93 9.32
C LEU B 176 3.70 -26.65 8.42
N GLN B 177 4.39 -27.64 8.98
CA GLN B 177 5.33 -28.44 8.20
C GLN B 177 4.61 -29.55 7.41
N SER B 178 5.30 -30.13 6.43
CA SER B 178 4.71 -31.16 5.58
C SER B 178 4.25 -32.36 6.43
N SER B 179 4.94 -32.57 7.55
CA SER B 179 4.57 -33.64 8.48
C SER B 179 3.17 -33.45 9.06
N GLY B 180 2.61 -32.24 8.91
CA GLY B 180 1.32 -31.92 9.50
C GLY B 180 1.42 -31.38 10.92
N LEU B 181 2.65 -31.18 11.38
CA LEU B 181 2.91 -30.67 12.72
C LEU B 181 3.42 -29.25 12.60
N TYR B 182 3.18 -28.43 13.61
CA TYR B 182 3.66 -27.04 13.57
C TYR B 182 5.05 -26.87 14.12
N SER B 183 5.64 -25.74 13.77
CA SER B 183 6.96 -25.37 14.26
C SER B 183 7.04 -23.84 14.37
N LEU B 184 7.82 -23.37 15.33
CA LEU B 184 7.84 -21.95 15.65
C LEU B 184 9.19 -21.62 16.31
N SER B 185 9.68 -20.42 16.09
CA SER B 185 10.83 -19.96 16.84
C SER B 185 10.49 -18.68 17.58
N SER B 186 11.17 -18.49 18.71
CA SER B 186 11.07 -17.26 19.48
C SER B 186 12.48 -16.75 19.75
N VAL B 187 12.76 -15.51 19.39
CA VAL B 187 14.09 -14.95 19.60
C VAL B 187 14.04 -13.75 20.53
N VAL B 188 15.21 -13.34 20.99
CA VAL B 188 15.33 -12.12 21.76
C VAL B 188 16.75 -11.61 21.53
N THR B 189 16.91 -10.29 21.47
CA THR B 189 18.24 -9.70 21.41
C THR B 189 18.64 -9.13 22.79
N VAL B 190 19.90 -9.32 23.16
CA VAL B 190 20.40 -8.85 24.46
C VAL B 190 21.83 -8.34 24.29
N PRO B 191 22.31 -7.54 25.26
CA PRO B 191 23.72 -7.13 25.26
C PRO B 191 24.60 -8.36 25.37
N SER B 192 25.62 -8.51 24.52
CA SER B 192 26.46 -9.69 24.63
C SER B 192 27.20 -9.76 25.96
N SER B 193 27.48 -8.61 26.58
CA SER B 193 28.18 -8.60 27.89
C SER B 193 27.30 -9.15 28.99
N SER B 194 26.01 -9.29 28.72
CA SER B 194 25.10 -9.79 29.74
C SER B 194 24.96 -11.32 29.69
N LEU B 195 25.52 -11.96 28.66
CA LEU B 195 25.49 -13.42 28.54
C LEU B 195 26.33 -14.06 29.65
N GLY B 196 27.26 -13.29 30.20
CA GLY B 196 28.09 -13.80 31.27
C GLY B 196 27.36 -13.86 32.58
N THR B 197 26.45 -12.91 32.80
CA THR B 197 25.86 -12.72 34.13
C THR B 197 24.36 -13.05 34.27
N GLN B 198 23.62 -12.97 33.17
CA GLN B 198 22.18 -13.22 33.20
C GLN B 198 21.90 -14.62 32.73
N THR B 199 20.86 -15.25 33.26
CA THR B 199 20.39 -16.50 32.68
C THR B 199 19.20 -16.26 31.73
N TYR B 200 19.15 -17.01 30.63
CA TYR B 200 18.03 -16.87 29.72
C TYR B 200 17.30 -18.17 29.54
N ILE B 201 15.99 -18.10 29.74
CA ILE B 201 15.14 -19.26 29.71
C ILE B 201 13.92 -18.90 28.89
N CYS B 202 13.55 -19.77 27.95
CA CYS B 202 12.27 -19.60 27.30
C CYS B 202 11.27 -20.56 27.95
N ASN B 203 10.12 -20.03 28.36
CA ASN B 203 9.09 -20.83 29.00
C ASN B 203 8.07 -21.24 27.96
N VAL B 204 8.14 -22.50 27.54
CA VAL B 204 7.23 -22.98 26.52
C VAL B 204 6.05 -23.69 27.16
N ASN B 205 4.85 -23.33 26.72
CA ASN B 205 3.66 -23.99 27.22
C ASN B 205 2.72 -24.42 26.10
N HIS B 206 2.54 -25.72 25.97
CA HIS B 206 1.60 -26.26 25.00
C HIS B 206 0.43 -26.87 25.73
N LYS B 207 -0.55 -26.05 26.06
CA LYS B 207 -1.73 -26.50 26.80
C LYS B 207 -2.48 -27.74 26.26
N PRO B 208 -2.69 -27.84 24.92
CA PRO B 208 -3.42 -29.02 24.39
C PRO B 208 -2.79 -30.38 24.72
N SER B 209 -1.50 -30.41 25.04
CA SER B 209 -0.84 -31.66 25.40
C SER B 209 -0.35 -31.61 26.84
N ASN B 210 -0.60 -30.48 27.51
CA ASN B 210 -0.06 -30.22 28.84
C ASN B 210 1.45 -30.48 28.94
N THR B 211 2.18 -29.91 27.99
CA THR B 211 3.63 -29.98 27.93
C THR B 211 4.19 -28.63 28.33
N LYS B 212 4.85 -28.56 29.47
CA LYS B 212 5.52 -27.34 29.91
C LYS B 212 7.01 -27.57 30.02
N VAL B 213 7.77 -26.78 29.27
CA VAL B 213 9.23 -26.91 29.26
C VAL B 213 9.84 -25.54 29.48
N ASP B 214 10.88 -25.48 30.30
CA ASP B 214 11.70 -24.29 30.43
C ASP B 214 13.05 -24.64 29.82
N LYS B 215 13.43 -23.95 28.75
CA LYS B 215 14.70 -24.27 28.11
C LYS B 215 15.70 -23.16 28.36
N ARG B 216 16.78 -23.50 29.04
CA ARG B 216 17.88 -22.58 29.26
C ARG B 216 18.72 -22.46 28.00
N VAL B 217 19.02 -21.24 27.58
CA VAL B 217 19.74 -21.03 26.32
C VAL B 217 21.09 -20.35 26.57
N GLU B 218 22.16 -21.10 26.36
CA GLU B 218 23.51 -20.67 26.71
C GLU B 218 24.34 -20.54 25.43
N PRO B 219 25.38 -19.71 25.47
CA PRO B 219 26.33 -19.71 24.35
C PRO B 219 27.04 -21.06 24.28
N LYS B 220 27.18 -21.62 23.07
CA LYS B 220 27.80 -22.95 22.92
C LYS B 220 29.33 -22.89 22.93
N ASP C 1 -13.73 28.85 3.27
CA ASP C 1 -14.38 28.09 2.22
C ASP C 1 -14.86 26.71 2.69
N ILE C 2 -15.32 25.89 1.75
CA ILE C 2 -15.68 24.50 2.03
C ILE C 2 -14.43 23.63 1.84
N LEU C 3 -14.05 22.94 2.90
CA LEU C 3 -12.97 21.99 2.78
C LEU C 3 -13.56 20.62 2.42
N LEU C 4 -12.99 20.00 1.39
CA LEU C 4 -13.37 18.66 1.02
C LEU C 4 -12.24 17.71 1.42
N THR C 5 -12.59 16.66 2.15
CA THR C 5 -11.60 15.69 2.58
C THR C 5 -11.86 14.36 1.87
N GLN C 6 -10.94 13.98 0.98
CA GLN C 6 -11.07 12.72 0.28
C GLN C 6 -10.26 11.64 0.97
N SER C 7 -10.79 10.43 1.00
CA SER C 7 -10.05 9.31 1.59
C SER C 7 -10.40 7.99 0.89
N PRO C 8 -9.45 7.05 0.87
CA PRO C 8 -8.08 7.23 1.36
C PRO C 8 -7.23 8.04 0.36
N VAL C 9 -6.02 8.41 0.75
CA VAL C 9 -5.09 9.07 -0.17
C VAL C 9 -4.65 8.11 -1.27
N ILE C 10 -4.29 6.89 -0.88
CA ILE C 10 -3.98 5.86 -1.85
C ILE C 10 -4.94 4.69 -1.70
N LEU C 11 -5.51 4.29 -2.82
CA LEU C 11 -6.48 3.21 -2.85
C LEU C 11 -5.91 2.09 -3.70
N SER C 12 -5.53 0.98 -3.05
CA SER C 12 -4.97 -0.17 -3.76
C SER C 12 -6.00 -1.29 -3.85
N VAL C 13 -6.37 -1.65 -5.09
CA VAL C 13 -7.41 -2.65 -5.31
C VAL C 13 -7.02 -3.68 -6.37
N SER C 14 -7.82 -4.74 -6.47
CA SER C 14 -7.60 -5.78 -7.48
C SER C 14 -8.66 -5.64 -8.58
N PRO C 15 -8.31 -6.02 -9.82
CA PRO C 15 -9.30 -5.86 -10.89
C PRO C 15 -10.52 -6.75 -10.66
N GLY C 16 -11.70 -6.20 -10.93
CA GLY C 16 -12.93 -6.91 -10.68
C GLY C 16 -13.56 -6.48 -9.37
N GLU C 17 -12.73 -6.10 -8.39
CA GLU C 17 -13.25 -5.58 -7.12
C GLU C 17 -14.14 -4.35 -7.31
N ARG C 18 -15.15 -4.23 -6.45
CA ARG C 18 -15.92 -3.01 -6.36
C ARG C 18 -15.05 -2.01 -5.62
N VAL C 19 -15.05 -0.76 -6.08
CA VAL C 19 -14.17 0.25 -5.51
C VAL C 19 -14.95 1.47 -4.98
N SER C 20 -14.53 2.00 -3.82
CA SER C 20 -15.20 3.17 -3.23
C SER C 20 -14.28 4.32 -2.81
N PHE C 21 -14.55 5.50 -3.36
CA PHE C 21 -13.84 6.73 -2.99
C PHE C 21 -14.73 7.56 -2.09
N SER C 22 -14.17 8.04 -0.98
CA SER C 22 -14.91 8.88 -0.06
C SER C 22 -14.54 10.35 -0.20
N CYS C 23 -15.56 11.21 -0.16
CA CYS C 23 -15.35 12.65 -0.14
C CYS C 23 -16.23 13.24 0.96
N ARG C 24 -15.61 13.81 1.98
CA ARG C 24 -16.36 14.37 3.09
C ARG C 24 -16.29 15.89 3.06
N ALA C 25 -17.46 16.51 3.09
CA ALA C 25 -17.56 17.98 3.12
C ALA C 25 -17.53 18.56 4.54
N SER C 26 -16.94 19.75 4.67
CA SER C 26 -16.74 20.38 5.98
C SER C 26 -18.03 20.97 6.54
N GLN C 27 -19.06 21.01 5.69
CA GLN C 27 -20.41 21.38 6.11
C GLN C 27 -21.36 20.90 5.01
N SER C 28 -22.66 20.91 5.25
CA SER C 28 -23.56 20.34 4.26
C SER C 28 -23.56 21.09 2.94
N ILE C 29 -23.72 20.34 1.86
CA ILE C 29 -23.70 20.89 0.51
C ILE C 29 -24.73 20.15 -0.33
N GLY C 30 -25.74 19.61 0.33
CA GLY C 30 -26.83 18.92 -0.36
C GLY C 30 -26.38 17.79 -1.27
N THR C 31 -26.64 17.93 -2.56
CA THR C 31 -26.08 16.96 -3.52
C THR C 31 -25.11 17.64 -4.49
N ASN C 32 -24.58 18.80 -4.10
CA ASN C 32 -23.81 19.60 -5.05
C ASN C 32 -22.32 19.19 -5.20
N ILE C 33 -22.10 17.94 -5.55
CA ILE C 33 -20.77 17.37 -5.67
C ILE C 33 -20.59 16.84 -7.08
N HIS C 34 -19.43 17.12 -7.68
CA HIS C 34 -19.07 16.58 -8.98
C HIS C 34 -17.76 15.80 -8.86
N TRP C 35 -17.61 14.75 -9.68
CA TRP C 35 -16.40 13.93 -9.63
C TRP C 35 -15.63 13.98 -10.94
N TYR C 36 -14.32 13.76 -10.86
CA TYR C 36 -13.45 13.85 -12.02
C TYR C 36 -12.38 12.79 -11.97
N GLN C 37 -11.96 12.35 -13.15
CA GLN C 37 -10.86 11.41 -13.27
C GLN C 37 -9.71 12.12 -13.99
N GLN C 38 -8.50 11.98 -13.48
CA GLN C 38 -7.34 12.50 -14.20
C GLN C 38 -6.31 11.42 -14.45
N ARG C 39 -6.10 11.11 -15.71
CA ARG C 39 -5.10 10.12 -16.11
C ARG C 39 -3.79 10.82 -16.41
N THR C 40 -2.70 10.05 -16.37
CA THR C 40 -1.36 10.54 -16.64
C THR C 40 -1.29 11.43 -17.89
N ASN C 41 -0.75 12.63 -17.73
CA ASN C 41 -0.70 13.66 -18.79
C ASN C 41 -2.05 14.13 -19.32
N GLY C 42 -3.13 13.77 -18.65
CA GLY C 42 -4.46 14.20 -19.06
C GLY C 42 -4.99 15.42 -18.32
N SER C 43 -6.05 16.01 -18.86
CA SER C 43 -6.79 17.06 -18.17
C SER C 43 -7.92 16.34 -17.44
N PRO C 44 -8.52 16.97 -16.40
CA PRO C 44 -9.61 16.29 -15.67
C PRO C 44 -10.75 15.90 -16.60
N ARG C 45 -11.38 14.76 -16.30
CA ARG C 45 -12.50 14.24 -17.08
C ARG C 45 -13.70 14.09 -16.15
N LEU C 46 -14.80 14.76 -16.46
CA LEU C 46 -16.01 14.69 -15.64
C LEU C 46 -16.68 13.30 -15.69
N LEU C 47 -17.03 12.75 -14.51
CA LEU C 47 -17.60 11.40 -14.42
C LEU C 47 -19.03 11.36 -13.91
N ILE C 48 -19.32 12.17 -12.88
CA ILE C 48 -20.60 12.17 -12.19
C ILE C 48 -20.89 13.62 -11.81
N LYS C 49 -22.13 14.06 -12.00
CA LYS C 49 -22.51 15.40 -11.57
C LYS C 49 -23.65 15.33 -10.57
N TYR C 50 -23.67 16.30 -9.66
CA TYR C 50 -24.73 16.39 -8.66
C TYR C 50 -24.85 15.06 -7.89
N ALA C 51 -23.71 14.59 -7.39
CA ALA C 51 -23.61 13.39 -6.56
C ALA C 51 -23.84 12.05 -7.25
N SER C 52 -24.85 11.96 -8.12
CA SER C 52 -25.31 10.65 -8.59
C SER C 52 -25.64 10.56 -10.07
N GLU C 53 -25.63 11.69 -10.77
CA GLU C 53 -26.15 11.72 -12.15
C GLU C 53 -25.08 11.43 -13.21
N SER C 54 -25.37 10.51 -14.12
CA SER C 54 -24.36 10.10 -15.10
C SER C 54 -24.11 11.13 -16.20
N ILE C 55 -22.97 11.02 -16.86
CA ILE C 55 -22.55 11.93 -17.92
C ILE C 55 -22.41 11.12 -19.21
N SER C 56 -22.69 11.74 -20.35
CA SER C 56 -22.61 11.02 -21.61
C SER C 56 -21.18 10.60 -21.91
N GLY C 57 -21.00 9.33 -22.25
CA GLY C 57 -19.70 8.84 -22.70
C GLY C 57 -18.96 8.07 -21.64
N ILE C 58 -19.45 8.16 -20.39
CA ILE C 58 -18.78 7.55 -19.24
C ILE C 58 -19.31 6.15 -18.97
N PRO C 59 -18.41 5.17 -18.87
CA PRO C 59 -18.76 3.76 -18.66
C PRO C 59 -19.74 3.54 -17.51
N SER C 60 -20.64 2.58 -17.71
CA SER C 60 -21.74 2.31 -16.77
C SER C 60 -21.26 1.91 -15.38
N ARG C 61 -20.01 1.46 -15.28
CA ARG C 61 -19.46 0.99 -14.01
C ARG C 61 -19.18 2.12 -13.02
N PHE C 62 -19.20 3.36 -13.49
CA PHE C 62 -19.10 4.55 -12.63
C PHE C 62 -20.46 4.99 -12.07
N SER C 63 -20.54 5.17 -10.76
CA SER C 63 -21.75 5.71 -10.14
C SER C 63 -21.40 6.53 -8.90
N GLY C 64 -22.34 7.36 -8.47
CA GLY C 64 -22.16 8.12 -7.25
C GLY C 64 -23.36 8.09 -6.33
N SER C 65 -23.10 8.27 -5.04
CA SER C 65 -24.16 8.30 -4.07
C SER C 65 -23.82 9.33 -3.00
N GLY C 66 -24.83 9.70 -2.22
CA GLY C 66 -24.62 10.56 -1.06
C GLY C 66 -25.36 11.87 -1.10
N SER C 67 -25.56 12.44 0.08
CA SER C 67 -26.08 13.81 0.22
C SER C 67 -25.81 14.29 1.63
N GLY C 68 -25.75 15.61 1.80
CA GLY C 68 -25.36 16.17 3.08
C GLY C 68 -23.88 16.48 3.10
N THR C 69 -23.10 15.62 3.76
CA THR C 69 -21.65 15.85 3.85
C THR C 69 -20.81 14.68 3.33
N ASP C 70 -21.40 13.50 3.25
CA ASP C 70 -20.66 12.28 2.96
C ASP C 70 -20.98 11.70 1.58
N PHE C 71 -19.99 11.69 0.68
CA PHE C 71 -20.22 11.28 -0.70
C PHE C 71 -19.30 10.15 -1.13
N THR C 72 -19.77 9.37 -2.09
CA THR C 72 -19.10 8.17 -2.56
C THR C 72 -19.07 8.12 -4.09
N LEU C 73 -17.90 7.85 -4.66
CA LEU C 73 -17.78 7.50 -6.08
C LEU C 73 -17.55 6.01 -6.12
N SER C 74 -18.31 5.29 -6.95
CA SER C 74 -18.19 3.82 -6.98
C SER C 74 -17.85 3.28 -8.36
N ILE C 75 -16.93 2.33 -8.38
CA ILE C 75 -16.64 1.55 -9.57
C ILE C 75 -16.97 0.10 -9.25
N ASN C 76 -18.02 -0.45 -9.86
CA ASN C 76 -18.55 -1.74 -9.44
C ASN C 76 -17.62 -2.92 -9.75
N SER C 77 -16.78 -2.74 -10.76
CA SER C 77 -15.81 -3.75 -11.15
C SER C 77 -14.66 -3.02 -11.81
N VAL C 78 -13.59 -2.76 -11.07
CA VAL C 78 -12.51 -1.93 -11.56
C VAL C 78 -11.71 -2.59 -12.69
N GLU C 79 -11.22 -1.79 -13.63
CA GLU C 79 -10.38 -2.31 -14.68
C GLU C 79 -9.03 -1.61 -14.70
N SER C 80 -8.06 -2.25 -15.33
CA SER C 80 -6.71 -1.69 -15.42
C SER C 80 -6.68 -0.29 -16.06
N GLU C 81 -7.62 0.02 -16.93
CA GLU C 81 -7.65 1.34 -17.55
C GLU C 81 -8.15 2.44 -16.59
N ASP C 82 -8.66 2.03 -15.44
CA ASP C 82 -9.19 2.99 -14.47
C ASP C 82 -8.08 3.59 -13.62
N ILE C 83 -6.86 3.09 -13.74
CA ILE C 83 -5.71 3.68 -13.06
C ILE C 83 -5.65 5.18 -13.35
N ALA C 84 -5.83 5.99 -12.30
CA ALA C 84 -5.83 7.45 -12.40
C ALA C 84 -5.94 8.09 -11.01
N ASP C 85 -6.02 9.42 -10.96
CA ASP C 85 -6.38 10.11 -9.73
C ASP C 85 -7.83 10.60 -9.79
N TYR C 86 -8.51 10.62 -8.65
CA TYR C 86 -9.95 10.94 -8.61
C TYR C 86 -10.28 12.10 -7.68
N TYR C 87 -10.97 13.09 -8.22
CA TYR C 87 -11.20 14.32 -7.48
C TYR C 87 -12.68 14.59 -7.30
N CYS C 88 -13.04 15.16 -6.17
CA CYS C 88 -14.40 15.64 -5.99
C CYS C 88 -14.39 17.17 -5.94
N GLN C 89 -15.54 17.76 -6.24
CA GLN C 89 -15.69 19.21 -6.35
C GLN C 89 -17.05 19.57 -5.80
N GLN C 90 -17.09 20.61 -4.96
CA GLN C 90 -18.36 21.08 -4.42
C GLN C 90 -18.70 22.40 -5.06
N ASN C 91 -19.98 22.65 -5.29
CA ASN C 91 -20.43 23.96 -5.75
C ASN C 91 -21.73 24.43 -5.08
N ASN C 92 -21.91 24.06 -3.82
CA ASN C 92 -23.02 24.62 -3.06
C ASN C 92 -22.66 26.02 -2.52
N ASN C 93 -21.36 26.26 -2.31
CA ASN C 93 -20.87 27.54 -1.82
C ASN C 93 -19.78 28.10 -2.70
N TRP C 94 -19.82 29.39 -2.92
CA TRP C 94 -18.80 30.06 -3.71
C TRP C 94 -17.60 30.32 -2.81
N PRO C 95 -16.38 30.15 -3.34
CA PRO C 95 -16.13 29.67 -4.70
C PRO C 95 -16.18 28.14 -4.76
N THR C 96 -16.33 27.59 -5.95
CA THR C 96 -16.27 26.13 -6.09
C THR C 96 -14.90 25.65 -5.63
N THR C 97 -14.84 24.54 -4.92
CA THR C 97 -13.58 23.99 -4.45
C THR C 97 -13.46 22.49 -4.71
N PHE C 98 -12.22 21.99 -4.75
CA PHE C 98 -11.96 20.59 -5.07
C PHE C 98 -11.28 19.90 -3.88
N GLY C 99 -11.46 18.60 -3.76
CA GLY C 99 -10.66 17.83 -2.82
C GLY C 99 -9.20 17.70 -3.26
N ALA C 100 -8.38 17.07 -2.41
CA ALA C 100 -6.96 16.84 -2.71
C ALA C 100 -6.73 15.58 -3.55
N GLY C 101 -7.77 14.76 -3.67
CA GLY C 101 -7.74 13.60 -4.54
C GLY C 101 -7.31 12.28 -3.91
N THR C 102 -7.71 11.20 -4.56
CA THR C 102 -7.36 9.85 -4.14
C THR C 102 -6.65 9.18 -5.31
N LYS C 103 -5.48 8.61 -5.05
CA LYS C 103 -4.75 7.86 -6.08
C LYS C 103 -5.20 6.39 -6.13
N LEU C 104 -5.55 5.92 -7.32
CA LEU C 104 -5.96 4.54 -7.50
C LEU C 104 -4.86 3.66 -8.08
N GLU C 105 -4.43 2.67 -7.31
CA GLU C 105 -3.41 1.72 -7.72
C GLU C 105 -4.03 0.35 -7.99
N LEU C 106 -3.61 -0.30 -9.07
CA LEU C 106 -4.05 -1.66 -9.30
C LEU C 106 -3.02 -2.73 -8.93
N LYS C 107 -3.51 -3.81 -8.33
CA LYS C 107 -2.66 -4.96 -8.01
C LYS C 107 -2.65 -5.92 -9.19
N ARG C 108 -1.53 -6.63 -9.38
CA ARG C 108 -1.45 -7.67 -10.40
C ARG C 108 -0.40 -8.65 -9.96
N THR C 109 -0.21 -9.71 -10.73
CA THR C 109 0.75 -10.73 -10.39
C THR C 109 2.14 -10.12 -10.52
N VAL C 110 3.09 -10.67 -9.76
CA VAL C 110 4.49 -10.28 -9.87
C VAL C 110 4.99 -10.51 -11.31
N ALA C 111 5.75 -9.54 -11.83
CA ALA C 111 6.40 -9.65 -13.14
C ALA C 111 7.82 -9.11 -13.07
N ALA C 112 8.77 -9.92 -13.54
CA ALA C 112 10.17 -9.53 -13.54
C ALA C 112 10.45 -8.48 -14.62
N PRO C 113 11.38 -7.54 -14.34
CA PRO C 113 11.78 -6.57 -15.35
C PRO C 113 12.61 -7.24 -16.43
N SER C 114 12.40 -6.86 -17.69
CA SER C 114 13.36 -7.18 -18.74
C SER C 114 14.36 -6.03 -18.76
N VAL C 115 15.66 -6.36 -18.73
CA VAL C 115 16.72 -5.38 -18.55
C VAL C 115 17.52 -5.11 -19.83
N PHE C 116 17.81 -3.83 -20.08
CA PHE C 116 18.54 -3.43 -21.29
C PHE C 116 19.52 -2.32 -20.92
N ILE C 117 20.75 -2.43 -21.44
CA ILE C 117 21.74 -1.38 -21.22
C ILE C 117 22.03 -0.66 -22.55
N PHE C 118 22.23 0.66 -22.48
CA PHE C 118 22.57 1.46 -23.65
C PHE C 118 23.82 2.30 -23.38
N PRO C 119 24.86 2.13 -24.20
CA PRO C 119 26.08 2.94 -24.05
C PRO C 119 25.80 4.35 -24.52
N PRO C 120 26.66 5.29 -24.12
CA PRO C 120 26.57 6.65 -24.68
C PRO C 120 26.79 6.62 -26.20
N SER C 121 26.33 7.64 -26.91
CA SER C 121 26.57 7.71 -28.34
C SER C 121 27.84 8.49 -28.57
N ASP C 122 28.50 8.23 -29.70
CA ASP C 122 29.65 9.04 -30.11
C ASP C 122 29.26 10.51 -30.17
N GLU C 123 28.02 10.74 -30.64
CA GLU C 123 27.46 12.09 -30.74
C GLU C 123 27.46 12.88 -29.43
N GLN C 124 27.07 12.24 -28.34
CA GLN C 124 27.05 12.92 -27.04
C GLN C 124 28.48 13.19 -26.57
N LEU C 125 29.35 12.19 -26.76
CA LEU C 125 30.74 12.27 -26.31
C LEU C 125 31.45 13.57 -26.72
N LYS C 126 31.20 14.01 -27.95
CA LYS C 126 31.69 15.32 -28.41
C LYS C 126 31.43 16.43 -27.41
N SER C 127 30.38 16.30 -26.61
CA SER C 127 30.01 17.36 -25.68
C SER C 127 30.78 17.26 -24.35
N GLY C 128 31.60 16.22 -24.21
CA GLY C 128 32.39 16.03 -22.99
C GLY C 128 31.65 15.39 -21.84
N THR C 129 30.51 14.77 -22.14
CA THR C 129 29.66 14.10 -21.17
C THR C 129 29.17 12.78 -21.76
N ALA C 130 29.06 11.76 -20.92
CA ALA C 130 28.56 10.46 -21.34
C ALA C 130 27.39 10.03 -20.47
N SER C 131 26.26 9.70 -21.09
CA SER C 131 25.13 9.14 -20.35
C SER C 131 25.04 7.63 -20.60
N VAL C 132 24.97 6.85 -19.54
CA VAL C 132 24.79 5.42 -19.69
C VAL C 132 23.41 5.06 -19.15
N VAL C 133 22.58 4.43 -19.97
CA VAL C 133 21.19 4.24 -19.60
C VAL C 133 20.89 2.77 -19.43
N CYS C 134 20.18 2.48 -18.35
CA CYS C 134 19.72 1.15 -18.08
C CYS C 134 18.19 1.14 -17.98
N LEU C 135 17.55 0.24 -18.72
CA LEU C 135 16.10 0.20 -18.79
C LEU C 135 15.58 -1.04 -18.07
N LEU C 136 14.55 -0.85 -17.24
CA LEU C 136 13.83 -1.98 -16.64
C LEU C 136 12.39 -1.94 -17.14
N ASN C 137 12.01 -2.95 -17.90
CA ASN C 137 10.79 -2.84 -18.66
C ASN C 137 9.67 -3.76 -18.18
N ASN C 138 8.49 -3.17 -18.01
CA ASN C 138 7.23 -3.87 -17.73
C ASN C 138 7.27 -4.82 -16.53
N PHE C 139 7.50 -4.29 -15.34
CA PHE C 139 7.64 -5.11 -14.13
C PHE C 139 6.64 -4.73 -13.03
N TYR C 140 6.51 -5.60 -12.04
CA TYR C 140 5.59 -5.36 -10.94
C TYR C 140 6.00 -6.22 -9.76
N PRO C 141 6.00 -5.67 -8.54
CA PRO C 141 5.59 -4.33 -8.10
C PRO C 141 6.67 -3.30 -8.39
N ARG C 142 6.42 -2.05 -8.00
CA ARG C 142 7.23 -0.89 -8.35
C ARG C 142 8.65 -0.88 -7.78
N GLU C 143 8.86 -1.55 -6.66
CA GLU C 143 10.18 -1.52 -6.04
C GLU C 143 11.23 -2.32 -6.78
N ALA C 144 12.36 -1.65 -7.05
CA ALA C 144 13.44 -2.24 -7.82
C ALA C 144 14.71 -1.49 -7.48
N LYS C 145 15.82 -2.21 -7.46
CA LYS C 145 17.11 -1.62 -7.14
C LYS C 145 18.02 -1.76 -8.38
N VAL C 146 18.56 -0.62 -8.83
CA VAL C 146 19.54 -0.61 -9.91
C VAL C 146 20.89 -0.18 -9.36
N GLN C 147 21.93 -0.97 -9.62
CA GLN C 147 23.30 -0.62 -9.21
C GLN C 147 24.24 -0.58 -10.39
N TRP C 148 24.98 0.51 -10.49
CA TRP C 148 25.93 0.72 -11.56
C TRP C 148 27.32 0.35 -11.10
N LYS C 149 28.02 -0.41 -11.93
CA LYS C 149 29.40 -0.73 -11.63
C LYS C 149 30.25 -0.37 -12.83
N VAL C 150 31.37 0.28 -12.58
CA VAL C 150 32.28 0.65 -13.64
C VAL C 150 33.62 0.04 -13.27
N ASP C 151 34.14 -0.82 -14.16
CA ASP C 151 35.26 -1.69 -13.84
C ASP C 151 35.15 -2.23 -12.41
N ASN C 152 33.94 -2.65 -12.07
CA ASN C 152 33.63 -3.28 -10.78
C ASN C 152 33.56 -2.34 -9.58
N ALA C 153 33.71 -1.03 -9.81
CA ALA C 153 33.47 -0.05 -8.76
C ALA C 153 31.99 0.37 -8.73
N LEU C 154 31.35 0.16 -7.59
CA LEU C 154 29.99 0.62 -7.37
C LEU C 154 29.94 2.16 -7.43
N GLN C 155 29.03 2.69 -8.25
CA GLN C 155 28.86 4.13 -8.45
C GLN C 155 27.86 4.67 -7.45
N SER C 156 28.13 5.83 -6.88
CA SER C 156 27.17 6.43 -5.97
C SER C 156 27.16 7.92 -6.16
N GLY C 157 25.97 8.49 -6.31
CA GLY C 157 25.82 9.94 -6.43
C GLY C 157 25.79 10.47 -7.86
N ASN C 158 26.08 9.61 -8.83
CA ASN C 158 26.08 10.05 -10.22
C ASN C 158 24.99 9.39 -11.11
N SER C 159 23.92 8.94 -10.49
CA SER C 159 22.83 8.36 -11.26
C SER C 159 21.48 8.88 -10.78
N GLN C 160 20.50 8.88 -11.69
CA GLN C 160 19.14 9.35 -11.41
C GLN C 160 18.15 8.41 -12.08
N GLU C 161 17.10 8.05 -11.36
CA GLU C 161 16.07 7.15 -11.88
C GLU C 161 14.79 7.89 -12.22
N SER C 162 13.99 7.29 -13.09
CA SER C 162 12.68 7.81 -13.44
C SER C 162 11.75 6.64 -13.67
N VAL C 163 10.50 6.76 -13.24
CA VAL C 163 9.58 5.63 -13.32
C VAL C 163 8.25 6.06 -13.93
N THR C 164 7.75 5.28 -14.88
CA THR C 164 6.45 5.57 -15.44
C THR C 164 5.39 5.26 -14.39
N GLU C 165 4.18 5.77 -14.62
CA GLU C 165 3.00 5.36 -13.87
C GLU C 165 2.55 4.00 -14.39
N GLN C 166 1.68 3.33 -13.64
CA GLN C 166 1.20 2.01 -14.05
C GLN C 166 0.55 2.06 -15.41
N ASP C 167 0.99 1.19 -16.31
CA ASP C 167 0.47 1.11 -17.68
C ASP C 167 -1.04 0.83 -17.64
N SER C 168 -1.81 1.50 -18.50
CA SER C 168 -3.27 1.34 -18.47
C SER C 168 -3.74 -0.04 -18.92
N LYS C 169 -2.90 -0.76 -19.66
CA LYS C 169 -3.33 -2.06 -20.18
C LYS C 169 -2.85 -3.26 -19.35
N ASP C 170 -1.57 -3.29 -18.97
CA ASP C 170 -1.05 -4.44 -18.20
C ASP C 170 -0.67 -4.12 -16.75
N SER C 171 -0.88 -2.88 -16.34
CA SER C 171 -0.63 -2.47 -14.94
C SER C 171 0.84 -2.58 -14.45
N THR C 172 1.80 -2.66 -15.37
CA THR C 172 3.21 -2.70 -14.99
C THR C 172 3.84 -1.32 -14.87
N TYR C 173 5.05 -1.29 -14.32
CA TYR C 173 5.87 -0.08 -14.35
C TYR C 173 7.05 -0.30 -15.27
N SER C 174 7.59 0.80 -15.78
CA SER C 174 8.92 0.79 -16.36
C SER C 174 9.78 1.85 -15.67
N LEU C 175 11.09 1.64 -15.73
CA LEU C 175 12.07 2.49 -15.08
C LEU C 175 13.30 2.65 -15.98
N SER C 176 13.83 3.87 -16.05
CA SER C 176 15.16 4.09 -16.59
C SER C 176 16.09 4.67 -15.51
N SER C 177 17.30 4.11 -15.41
CA SER C 177 18.34 4.71 -14.59
C SER C 177 19.38 5.31 -15.51
N THR C 178 19.76 6.56 -15.26
CA THR C 178 20.80 7.23 -16.03
C THR C 178 22.07 7.56 -15.23
N LEU C 179 23.20 6.99 -15.66
CA LEU C 179 24.51 7.26 -15.08
C LEU C 179 25.23 8.36 -15.89
N THR C 180 25.71 9.39 -15.21
CA THR C 180 26.34 10.52 -15.88
C THR C 180 27.82 10.64 -15.51
N LEU C 181 28.69 10.55 -16.53
CA LEU C 181 30.13 10.60 -16.35
CA LEU C 181 30.14 10.61 -16.35
C LEU C 181 30.74 11.64 -17.28
N SER C 182 31.89 12.18 -16.89
CA SER C 182 32.65 13.05 -17.77
C SER C 182 33.16 12.16 -18.92
N LYS C 183 33.42 12.75 -20.07
CA LYS C 183 34.01 11.99 -21.17
C LYS C 183 35.32 11.35 -20.69
N ALA C 184 36.10 12.14 -19.96
CA ALA C 184 37.39 11.66 -19.46
C ALA C 184 37.22 10.39 -18.61
N ASP C 185 36.37 10.47 -17.58
CA ASP C 185 36.12 9.33 -16.70
CA ASP C 185 36.08 9.33 -16.71
C ASP C 185 35.65 8.13 -17.53
N TYR C 186 34.76 8.36 -18.49
CA TYR C 186 34.24 7.28 -19.34
C TYR C 186 35.32 6.57 -20.18
N GLU C 187 36.24 7.35 -20.74
CA GLU C 187 37.32 6.80 -21.55
C GLU C 187 38.34 6.05 -20.71
N LYS C 188 38.39 6.32 -19.40
CA LYS C 188 39.38 5.68 -18.54
C LYS C 188 38.95 4.28 -18.08
N HIS C 189 37.75 3.85 -18.47
CA HIS C 189 37.24 2.59 -17.93
C HIS C 189 36.67 1.67 -19.01
N LYS C 190 36.49 0.40 -18.69
CA LYS C 190 36.13 -0.54 -19.74
C LYS C 190 34.76 -1.20 -19.57
N VAL C 191 34.51 -1.79 -18.41
CA VAL C 191 33.31 -2.57 -18.23
C VAL C 191 32.21 -1.75 -17.58
N TYR C 192 31.12 -1.57 -18.30
CA TYR C 192 29.99 -0.85 -17.76
C TYR C 192 28.82 -1.80 -17.55
N ALA C 193 28.38 -1.93 -16.31
CA ALA C 193 27.34 -2.88 -15.95
C ALA C 193 26.26 -2.23 -15.13
N CYS C 194 25.01 -2.59 -15.37
CA CYS C 194 24.00 -2.30 -14.40
C CYS C 194 23.35 -3.60 -13.96
N GLU C 195 23.21 -3.76 -12.66
CA GLU C 195 22.75 -4.99 -12.05
C GLU C 195 21.43 -4.72 -11.35
N VAL C 196 20.46 -5.58 -11.61
CA VAL C 196 19.10 -5.30 -11.24
C VAL C 196 18.58 -6.32 -10.26
N THR C 197 17.99 -5.81 -9.19
CA THR C 197 17.43 -6.61 -8.13
C THR C 197 15.94 -6.35 -8.02
N HIS C 198 15.12 -7.40 -8.07
CA HIS C 198 13.66 -7.24 -8.03
C HIS C 198 12.98 -8.52 -7.53
N GLN C 199 11.99 -8.34 -6.65
CA GLN C 199 11.18 -9.44 -6.14
C GLN C 199 10.83 -10.55 -7.15
N GLY C 200 10.57 -10.20 -8.40
CA GLY C 200 10.26 -11.18 -9.42
C GLY C 200 11.47 -11.87 -10.06
N LEU C 201 12.66 -11.52 -9.58
CA LEU C 201 13.87 -12.19 -10.05
C LEU C 201 14.46 -13.07 -8.93
N SER C 202 14.77 -14.32 -9.24
CA SER C 202 15.29 -15.23 -8.23
C SER C 202 16.68 -14.78 -7.77
N SER C 203 17.51 -14.42 -8.74
CA SER C 203 18.82 -13.84 -8.48
C SER C 203 19.00 -12.66 -9.44
N PRO C 204 19.87 -11.71 -9.11
CA PRO C 204 19.94 -10.46 -9.88
C PRO C 204 20.31 -10.61 -11.35
N VAL C 205 19.78 -9.72 -12.18
CA VAL C 205 20.17 -9.67 -13.58
C VAL C 205 21.21 -8.58 -13.85
N THR C 206 22.31 -8.96 -14.49
CA THR C 206 23.32 -7.99 -14.87
C THR C 206 23.47 -7.88 -16.39
N LYS C 207 23.34 -6.66 -16.88
CA LYS C 207 23.52 -6.37 -18.29
C LYS C 207 24.74 -5.46 -18.39
N SER C 208 25.60 -5.70 -19.38
CA SER C 208 26.82 -4.93 -19.46
C SER C 208 27.41 -4.85 -20.87
N PHE C 209 28.28 -3.86 -21.08
CA PHE C 209 28.98 -3.70 -22.34
C PHE C 209 30.43 -3.30 -22.08
N ASN C 210 31.30 -3.53 -23.05
CA ASN C 210 32.66 -3.02 -22.97
C ASN C 210 32.81 -1.87 -23.94
N ARG C 211 33.24 -0.72 -23.42
CA ARG C 211 33.47 0.47 -24.21
C ARG C 211 34.38 0.15 -25.41
N GLY C 212 33.89 0.38 -26.62
CA GLY C 212 34.65 0.09 -27.83
C GLY C 212 34.76 -1.38 -28.19
N GLN D 1 -18.27 19.06 -32.59
CA GLN D 1 -17.24 18.68 -31.63
C GLN D 1 -16.81 19.86 -30.74
N VAL D 2 -17.23 19.86 -29.47
CA VAL D 2 -16.74 20.86 -28.51
C VAL D 2 -15.29 20.64 -28.10
N GLN D 3 -14.46 21.67 -28.29
CA GLN D 3 -13.04 21.64 -27.95
C GLN D 3 -12.56 23.00 -27.45
N LEU D 4 -11.63 22.97 -26.50
CA LEU D 4 -10.94 24.16 -26.05
C LEU D 4 -9.44 23.92 -26.22
N LYS D 5 -8.77 24.80 -26.97
CA LYS D 5 -7.34 24.65 -27.24
C LYS D 5 -6.55 25.87 -26.77
N GLN D 6 -5.66 25.65 -25.82
CA GLN D 6 -4.90 26.74 -25.23
C GLN D 6 -3.58 26.99 -25.96
N SER D 7 -3.09 28.22 -25.93
CA SER D 7 -1.77 28.53 -26.48
C SER D 7 -0.67 27.73 -25.78
N GLY D 8 0.51 27.67 -26.42
CA GLY D 8 1.61 26.84 -25.97
C GLY D 8 2.21 27.11 -24.58
N PRO D 9 2.97 26.12 -24.06
CA PRO D 9 3.62 26.22 -22.75
C PRO D 9 4.82 27.14 -22.78
N GLY D 10 5.26 27.57 -21.59
CA GLY D 10 6.42 28.44 -21.51
C GLY D 10 6.78 29.01 -20.17
N LEU D 11 7.84 29.81 -20.22
CA LEU D 11 8.55 30.32 -19.08
C LEU D 11 8.09 31.75 -18.77
N VAL D 12 7.84 32.03 -17.51
CA VAL D 12 7.56 33.39 -17.05
C VAL D 12 8.56 33.81 -15.98
N GLN D 13 9.15 35.00 -16.14
CA GLN D 13 10.09 35.50 -15.16
C GLN D 13 9.35 36.02 -13.93
N PRO D 14 9.95 35.84 -12.75
CA PRO D 14 9.27 36.26 -11.52
C PRO D 14 8.84 37.72 -11.58
N SER D 15 7.65 37.97 -11.02
CA SER D 15 6.99 39.28 -11.02
C SER D 15 6.65 39.82 -12.42
N GLN D 16 6.85 39.01 -13.45
CA GLN D 16 6.32 39.30 -14.78
C GLN D 16 4.93 38.70 -14.90
N SER D 17 4.29 38.86 -16.06
CA SER D 17 2.88 38.48 -16.20
C SER D 17 2.69 37.26 -17.09
N LEU D 18 1.58 36.55 -16.88
CA LEU D 18 1.25 35.34 -17.65
C LEU D 18 0.09 35.55 -18.64
N SER D 19 0.29 35.19 -19.91
CA SER D 19 -0.77 35.30 -20.90
C SER D 19 -1.05 34.00 -21.64
N ILE D 20 -2.30 33.54 -21.57
CA ILE D 20 -2.76 32.33 -22.24
C ILE D 20 -4.03 32.63 -23.05
N THR D 21 -4.10 32.09 -24.27
CA THR D 21 -5.27 32.24 -25.11
C THR D 21 -6.05 30.94 -25.22
N CYS D 22 -7.36 31.01 -25.00
CA CYS D 22 -8.21 29.83 -25.10
C CYS D 22 -9.11 29.94 -26.31
N THR D 23 -8.85 29.13 -27.34
CA THR D 23 -9.62 29.15 -28.58
C THR D 23 -10.65 28.04 -28.53
N VAL D 24 -11.91 28.35 -28.83
CA VAL D 24 -12.98 27.35 -28.71
C VAL D 24 -13.64 27.04 -30.04
N SER D 25 -14.14 25.82 -30.15
CA SER D 25 -14.91 25.42 -31.32
C SER D 25 -16.00 24.45 -30.89
N GLY D 26 -17.08 24.38 -31.66
CA GLY D 26 -18.16 23.45 -31.36
C GLY D 26 -19.26 24.13 -30.56
N PHE D 27 -19.06 25.40 -30.27
CA PHE D 27 -19.99 26.20 -29.47
C PHE D 27 -19.52 27.65 -29.50
N SER D 28 -20.40 28.57 -29.13
CA SER D 28 -20.10 29.99 -29.22
C SER D 28 -19.92 30.67 -27.86
N LEU D 29 -18.95 31.57 -27.79
CA LEU D 29 -18.69 32.31 -26.57
C LEU D 29 -19.85 33.19 -26.11
N THR D 30 -20.82 33.44 -26.99
CA THR D 30 -21.98 34.25 -26.63
C THR D 30 -23.06 33.39 -26.00
N ASN D 31 -22.82 32.08 -25.94
CA ASN D 31 -23.76 31.17 -25.32
C ASN D 31 -23.30 30.49 -24.02
N TYR D 32 -21.99 30.47 -23.79
CA TYR D 32 -21.45 29.80 -22.60
C TYR D 32 -20.34 30.62 -21.95
N GLY D 33 -20.18 30.46 -20.65
CA GLY D 33 -19.08 31.06 -19.94
C GLY D 33 -17.85 30.17 -20.03
N VAL D 34 -16.67 30.78 -20.00
CA VAL D 34 -15.44 29.99 -19.96
C VAL D 34 -14.73 30.23 -18.63
N HIS D 35 -14.33 29.14 -17.97
CA HIS D 35 -13.70 29.22 -16.65
C HIS D 35 -12.21 28.98 -16.76
N TRP D 36 -11.48 29.28 -15.69
CA TRP D 36 -10.05 29.01 -15.63
C TRP D 36 -9.68 28.37 -14.29
N VAL D 37 -9.07 27.20 -14.38
CA VAL D 37 -8.65 26.44 -13.21
C VAL D 37 -7.15 26.24 -13.32
N ARG D 38 -6.47 26.09 -12.18
CA ARG D 38 -5.08 25.65 -12.22
C ARG D 38 -4.83 24.49 -11.27
N GLN D 39 -3.72 23.79 -11.50
CA GLN D 39 -3.37 22.65 -10.68
C GLN D 39 -1.89 22.76 -10.31
N SER D 40 -1.61 22.92 -9.02
CA SER D 40 -0.23 23.08 -8.58
C SER D 40 0.13 22.05 -7.49
N PRO D 41 1.43 21.84 -7.26
CA PRO D 41 1.85 20.96 -6.16
C PRO D 41 1.35 21.46 -4.82
N GLY D 42 1.42 22.77 -4.60
CA GLY D 42 1.02 23.37 -3.34
C GLY D 42 -0.46 23.30 -2.97
N LYS D 43 -1.32 23.76 -3.87
CA LYS D 43 -2.73 23.89 -3.50
C LYS D 43 -3.62 22.96 -4.31
N GLY D 44 -3.02 22.08 -5.11
CA GLY D 44 -3.78 21.21 -5.98
C GLY D 44 -4.58 21.99 -7.00
N LEU D 45 -5.85 21.60 -7.16
CA LEU D 45 -6.78 22.24 -8.09
C LEU D 45 -7.46 23.48 -7.51
N GLU D 46 -7.37 24.60 -8.23
CA GLU D 46 -7.99 25.86 -7.80
C GLU D 46 -8.77 26.51 -8.92
N TRP D 47 -10.05 26.82 -8.68
CA TRP D 47 -10.84 27.66 -9.58
C TRP D 47 -10.32 29.10 -9.50
N LEU D 48 -9.95 29.68 -10.64
CA LEU D 48 -9.37 31.01 -10.66
C LEU D 48 -10.41 32.06 -11.03
N GLY D 49 -11.21 31.77 -12.06
CA GLY D 49 -12.25 32.69 -12.48
C GLY D 49 -13.08 32.25 -13.68
N VAL D 50 -13.93 33.16 -14.16
CA VAL D 50 -14.85 32.85 -15.25
C VAL D 50 -15.17 34.13 -16.02
N ILE D 51 -15.30 34.02 -17.34
CA ILE D 51 -15.96 35.08 -18.11
C ILE D 51 -17.26 34.54 -18.70
N TRP D 52 -18.36 35.25 -18.42
CA TRP D 52 -19.69 34.77 -18.77
C TRP D 52 -20.10 35.18 -20.18
N SER D 53 -21.14 34.54 -20.73
CA SER D 53 -21.63 34.81 -22.10
C SER D 53 -21.67 36.28 -22.46
N GLY D 54 -22.17 37.08 -21.53
CA GLY D 54 -22.40 38.50 -21.75
C GLY D 54 -21.27 39.41 -21.32
N GLY D 55 -20.10 38.84 -21.06
CA GLY D 55 -18.92 39.65 -20.80
C GLY D 55 -18.55 39.87 -19.35
N ASN D 56 -19.48 39.60 -18.44
CA ASN D 56 -19.18 39.74 -17.01
C ASN D 56 -18.07 38.78 -16.58
N THR D 57 -17.28 39.18 -15.58
CA THR D 57 -16.23 38.32 -15.07
C THR D 57 -16.37 38.17 -13.56
N ASP D 58 -16.10 36.97 -13.06
CA ASP D 58 -15.91 36.75 -11.62
C ASP D 58 -14.49 36.21 -11.37
N TYR D 59 -13.81 36.72 -10.35
CA TYR D 59 -12.51 36.18 -9.97
C TYR D 59 -12.54 35.66 -8.55
N ASN D 60 -11.91 34.51 -8.32
CA ASN D 60 -11.77 33.98 -6.96
C ASN D 60 -11.00 34.98 -6.11
N THR D 61 -11.41 35.14 -4.85
CA THR D 61 -10.94 36.24 -4.00
C THR D 61 -9.42 36.52 -4.01
N PRO D 62 -8.58 35.48 -3.78
CA PRO D 62 -7.12 35.74 -3.81
C PRO D 62 -6.51 36.16 -5.15
N PHE D 63 -7.34 36.41 -6.17
CA PHE D 63 -6.79 36.71 -7.49
C PHE D 63 -7.36 37.99 -8.07
N THR D 64 -8.35 38.54 -7.38
CA THR D 64 -9.09 39.72 -7.82
C THR D 64 -8.18 40.86 -8.30
N SER D 65 -7.12 41.13 -7.56
CA SER D 65 -6.24 42.25 -7.84
C SER D 65 -5.24 42.01 -8.98
N ARG D 66 -4.95 40.74 -9.27
CA ARG D 66 -3.93 40.45 -10.30
C ARG D 66 -4.42 39.62 -11.46
N LEU D 67 -5.72 39.41 -11.57
CA LEU D 67 -6.26 38.59 -12.66
C LEU D 67 -7.23 39.38 -13.55
N SER D 68 -7.06 39.25 -14.86
CA SER D 68 -8.02 39.81 -15.81
C SER D 68 -8.35 38.81 -16.91
N ILE D 69 -9.63 38.63 -17.20
CA ILE D 69 -10.06 37.72 -18.26
C ILE D 69 -10.87 38.51 -19.28
N ASN D 70 -10.54 38.35 -20.56
CA ASN D 70 -11.24 39.03 -21.65
C ASN D 70 -11.60 38.09 -22.78
N LYS D 71 -12.40 38.56 -23.74
CA LYS D 71 -12.68 37.72 -24.91
C LYS D 71 -13.03 38.47 -26.20
N ASP D 72 -13.05 37.71 -27.28
CA ASP D 72 -13.44 38.19 -28.59
C ASP D 72 -14.40 37.14 -29.12
N ASN D 73 -15.68 37.46 -29.09
CA ASN D 73 -16.71 36.49 -29.49
C ASN D 73 -16.55 36.04 -30.93
N SER D 74 -16.24 36.98 -31.81
CA SER D 74 -16.13 36.69 -33.25
C SER D 74 -14.96 35.78 -33.57
N LYS D 75 -13.91 35.87 -32.75
CA LYS D 75 -12.72 35.04 -32.94
C LYS D 75 -12.79 33.71 -32.18
N SER D 76 -13.83 33.54 -31.37
CA SER D 76 -13.96 32.40 -30.46
C SER D 76 -12.77 32.27 -29.53
N GLN D 77 -12.17 33.40 -29.17
CA GLN D 77 -11.02 33.39 -28.28
C GLN D 77 -11.31 33.93 -26.87
N VAL D 78 -10.66 33.35 -25.88
CA VAL D 78 -10.71 33.88 -24.52
C VAL D 78 -9.29 34.13 -24.06
N PHE D 79 -9.06 35.29 -23.42
CA PHE D 79 -7.73 35.75 -23.03
C PHE D 79 -7.52 35.84 -21.52
N PHE D 80 -6.48 35.16 -21.04
CA PHE D 80 -6.19 35.05 -19.61
C PHE D 80 -4.91 35.80 -19.32
N LYS D 81 -4.91 36.62 -18.28
CA LYS D 81 -3.71 37.36 -17.88
C LYS D 81 -3.60 37.50 -16.36
N MET D 82 -2.46 37.09 -15.81
CA MET D 82 -2.22 37.22 -14.37
C MET D 82 -0.94 38.01 -14.16
N ASN D 83 -0.94 38.91 -13.18
CA ASN D 83 0.19 39.80 -13.01
C ASN D 83 1.15 39.33 -11.92
N SER D 84 2.41 39.73 -12.04
CA SER D 84 3.46 39.47 -11.05
C SER D 84 3.45 38.06 -10.47
N LEU D 85 3.87 37.10 -11.29
CA LEU D 85 3.91 35.71 -10.84
C LEU D 85 5.06 35.45 -9.88
N GLN D 86 4.82 34.62 -8.88
CA GLN D 86 5.91 34.16 -8.05
C GLN D 86 6.16 32.68 -8.32
N SER D 87 7.23 32.16 -7.73
CA SER D 87 7.60 30.77 -7.90
C SER D 87 6.45 29.80 -7.67
N ASN D 88 5.68 30.01 -6.59
CA ASN D 88 4.56 29.13 -6.26
C ASN D 88 3.31 29.28 -7.14
N ASP D 89 3.44 30.03 -8.24
CA ASP D 89 2.39 30.11 -9.26
C ASP D 89 2.78 29.20 -10.42
N THR D 90 3.87 28.47 -10.26
CA THR D 90 4.25 27.44 -11.22
C THR D 90 3.19 26.35 -11.17
N ALA D 91 2.53 26.10 -12.29
CA ALA D 91 1.40 25.19 -12.30
C ALA D 91 0.91 24.88 -13.70
N ILE D 92 -0.10 24.03 -13.77
CA ILE D 92 -0.82 23.79 -15.01
C ILE D 92 -2.12 24.60 -15.02
N TYR D 93 -2.30 25.40 -16.08
CA TYR D 93 -3.47 26.27 -16.23
C TYR D 93 -4.40 25.75 -17.31
N TYR D 94 -5.68 25.61 -16.95
CA TYR D 94 -6.69 25.10 -17.86
C TYR D 94 -7.76 26.15 -18.12
N CYS D 95 -8.29 26.17 -19.33
CA CYS D 95 -9.58 26.78 -19.54
C CYS D 95 -10.59 25.64 -19.55
N ALA D 96 -11.79 25.90 -19.06
CA ALA D 96 -12.80 24.85 -19.03
C ALA D 96 -14.20 25.40 -19.30
N ARG D 97 -15.07 24.54 -19.81
CA ARG D 97 -16.46 24.89 -20.09
C ARG D 97 -17.40 23.98 -19.31
N ALA D 98 -18.50 24.55 -18.81
CA ALA D 98 -19.48 23.76 -18.08
C ALA D 98 -20.54 23.17 -19.02
N LEU D 99 -21.39 22.28 -18.51
CA LEU D 99 -22.46 21.69 -19.32
C LEU D 99 -23.51 22.73 -19.69
N THR D 100 -23.98 23.48 -18.68
CA THR D 100 -24.97 24.51 -18.94
C THR D 100 -24.30 25.89 -18.90
N TYR D 101 -24.95 26.87 -19.51
CA TYR D 101 -24.38 28.22 -19.62
C TYR D 101 -24.03 28.87 -18.28
N TYR D 102 -24.77 28.51 -17.23
CA TYR D 102 -24.69 29.17 -15.93
C TYR D 102 -23.98 28.37 -14.82
N ASP D 103 -23.68 27.10 -15.08
CA ASP D 103 -23.24 26.16 -14.02
C ASP D 103 -21.72 26.00 -13.91
N TYR D 104 -21.26 25.14 -13.01
CA TYR D 104 -19.84 24.94 -12.79
C TYR D 104 -19.41 23.49 -12.87
N GLU D 105 -20.17 22.66 -13.56
CA GLU D 105 -19.76 21.28 -13.78
C GLU D 105 -18.96 21.19 -15.09
N PHE D 106 -17.64 21.13 -14.96
CA PHE D 106 -16.75 21.30 -16.12
C PHE D 106 -16.59 20.06 -17.00
N ALA D 107 -17.40 19.97 -18.04
CA ALA D 107 -17.44 18.77 -18.87
C ALA D 107 -16.41 18.84 -20.00
N TYR D 108 -15.93 20.03 -20.32
CA TYR D 108 -14.99 20.20 -21.41
C TYR D 108 -13.79 21.00 -20.93
N TRP D 109 -12.60 20.44 -21.14
CA TRP D 109 -11.38 21.09 -20.71
C TRP D 109 -10.42 21.30 -21.85
N GLY D 110 -9.62 22.37 -21.76
CA GLY D 110 -8.46 22.56 -22.61
C GLY D 110 -7.39 21.54 -22.20
N GLN D 111 -6.35 21.41 -23.02
CA GLN D 111 -5.33 20.39 -22.76
C GLN D 111 -4.38 20.83 -21.67
N GLY D 112 -4.51 22.08 -21.25
CA GLY D 112 -3.69 22.65 -20.20
C GLY D 112 -2.34 23.19 -20.66
N THR D 113 -1.89 24.25 -20.01
CA THR D 113 -0.63 24.89 -20.35
C THR D 113 0.29 24.85 -19.13
N LEU D 114 1.43 24.18 -19.24
CA LEU D 114 2.39 24.13 -18.14
C LEU D 114 3.17 25.44 -18.04
N VAL D 115 3.00 26.13 -16.92
CA VAL D 115 3.67 27.41 -16.68
C VAL D 115 4.80 27.27 -15.67
N THR D 116 5.99 27.70 -16.06
CA THR D 116 7.11 27.72 -15.14
C THR D 116 7.48 29.16 -14.80
N VAL D 117 7.56 29.44 -13.51
CA VAL D 117 8.02 30.74 -13.04
C VAL D 117 9.48 30.63 -12.63
N SER D 118 10.36 31.16 -13.48
CA SER D 118 11.80 31.08 -13.26
C SER D 118 12.53 32.26 -13.90
N ALA D 119 13.67 32.64 -13.31
CA ALA D 119 14.53 33.68 -13.86
C ALA D 119 15.47 33.13 -14.97
N ALA D 120 15.56 31.80 -15.04
CA ALA D 120 16.46 31.13 -15.98
C ALA D 120 16.04 31.21 -17.46
N SER D 121 16.96 30.80 -18.33
CA SER D 121 16.80 30.98 -19.77
C SER D 121 16.23 29.74 -20.45
N THR D 122 15.49 29.95 -21.52
CA THR D 122 14.98 28.85 -22.34
C THR D 122 16.14 28.18 -23.08
N LYS D 123 16.16 26.84 -23.07
CA LYS D 123 17.17 26.08 -23.80
C LYS D 123 16.62 24.79 -24.43
N GLY D 124 16.90 24.60 -25.72
CA GLY D 124 16.48 23.41 -26.41
C GLY D 124 17.34 22.22 -26.03
N PRO D 125 16.80 21.02 -26.19
CA PRO D 125 17.52 19.79 -25.83
C PRO D 125 18.42 19.31 -26.95
N SER D 126 19.33 18.40 -26.62
CA SER D 126 20.05 17.60 -27.61
C SER D 126 19.41 16.23 -27.56
N VAL D 127 19.26 15.58 -28.72
CA VAL D 127 18.63 14.27 -28.78
C VAL D 127 19.65 13.22 -29.22
N PHE D 128 19.80 12.16 -28.42
CA PHE D 128 20.80 11.13 -28.69
C PHE D 128 20.11 9.77 -28.75
N PRO D 129 20.64 8.86 -29.58
CA PRO D 129 20.06 7.51 -29.71
C PRO D 129 20.41 6.62 -28.53
N LEU D 130 19.43 5.81 -28.12
CA LEU D 130 19.65 4.67 -27.25
C LEU D 130 19.50 3.43 -28.12
N ALA D 131 20.65 2.90 -28.58
CA ALA D 131 20.69 1.89 -29.65
C ALA D 131 20.54 0.46 -29.17
N GLY D 140 13.98 -12.44 -28.37
CA GLY D 140 14.37 -11.70 -29.56
C GLY D 140 13.66 -10.35 -29.66
N THR D 141 13.33 -9.76 -28.52
CA THR D 141 12.81 -8.41 -28.48
C THR D 141 13.97 -7.45 -28.26
N ALA D 142 14.00 -6.36 -29.02
CA ALA D 142 15.01 -5.32 -28.79
C ALA D 142 14.36 -4.05 -28.24
N ALA D 143 15.12 -3.31 -27.44
CA ALA D 143 14.65 -2.02 -26.98
C ALA D 143 15.53 -0.99 -27.62
N LEU D 144 14.94 0.14 -27.96
CA LEU D 144 15.70 1.25 -28.47
C LEU D 144 15.01 2.50 -27.95
N GLY D 145 15.67 3.66 -28.05
CA GLY D 145 15.08 4.88 -27.55
C GLY D 145 15.83 6.14 -27.89
N CYS D 146 15.31 7.25 -27.36
CA CYS D 146 15.92 8.56 -27.49
C CYS D 146 16.17 9.21 -26.14
N LEU D 147 17.39 9.71 -25.95
CA LEU D 147 17.73 10.49 -24.76
C LEU D 147 17.60 11.97 -25.09
N VAL D 148 16.71 12.64 -24.38
CA VAL D 148 16.39 14.02 -24.69
C VAL D 148 16.96 14.85 -23.57
N LYS D 149 18.12 15.43 -23.82
CA LYS D 149 18.95 15.97 -22.75
C LYS D 149 19.10 17.49 -22.72
N ASP D 150 19.09 18.05 -21.51
CA ASP D 150 19.50 19.43 -21.26
C ASP D 150 18.56 20.49 -21.83
N TYR D 151 17.29 20.45 -21.44
CA TYR D 151 16.35 21.47 -21.88
C TYR D 151 15.71 22.13 -20.68
N PHE D 152 15.22 23.35 -20.90
CA PHE D 152 14.46 24.09 -19.92
C PHE D 152 13.63 25.10 -20.70
N PRO D 153 12.37 25.31 -20.30
CA PRO D 153 11.68 24.61 -19.20
C PRO D 153 10.99 23.38 -19.74
N GLU D 154 10.27 22.68 -18.86
CA GLU D 154 9.34 21.67 -19.31
C GLU D 154 8.21 22.36 -20.06
N PRO D 155 7.48 21.62 -20.90
CA PRO D 155 7.62 20.20 -21.25
C PRO D 155 8.22 19.98 -22.62
N VAL D 156 8.57 18.72 -22.94
CA VAL D 156 8.85 18.30 -24.31
C VAL D 156 7.88 17.20 -24.68
N THR D 157 7.52 17.11 -25.96
CA THR D 157 6.71 15.99 -26.43
C THR D 157 7.56 15.04 -27.25
N VAL D 158 7.31 13.74 -27.08
CA VAL D 158 8.00 12.71 -27.85
C VAL D 158 7.00 11.75 -28.47
N SER D 159 7.12 11.47 -29.76
CA SER D 159 6.33 10.42 -30.37
C SER D 159 7.26 9.58 -31.20
N TRP D 160 6.74 8.48 -31.73
CA TRP D 160 7.51 7.58 -32.57
C TRP D 160 6.83 7.39 -33.93
N ASN D 161 7.63 7.50 -35.00
CA ASN D 161 7.14 7.38 -36.38
C ASN D 161 5.88 8.21 -36.62
N SER D 162 5.97 9.49 -36.26
CA SER D 162 4.86 10.44 -36.39
C SER D 162 3.55 9.96 -35.75
N GLY D 163 3.65 9.11 -34.74
CA GLY D 163 2.47 8.67 -34.02
C GLY D 163 2.00 7.27 -34.38
N ALA D 164 2.44 6.79 -35.53
CA ALA D 164 2.02 5.46 -36.01
C ALA D 164 2.44 4.31 -35.08
N LEU D 165 3.53 4.50 -34.33
CA LEU D 165 4.02 3.49 -33.40
C LEU D 165 3.70 3.90 -31.95
N THR D 166 2.79 3.19 -31.30
CA THR D 166 2.44 3.51 -29.91
C THR D 166 2.63 2.31 -29.02
N SER D 167 2.45 1.13 -29.60
CA SER D 167 2.54 -0.09 -28.85
C SER D 167 3.95 -0.26 -28.26
N GLY D 168 4.01 -0.38 -26.94
CA GLY D 168 5.26 -0.62 -26.23
C GLY D 168 6.14 0.61 -26.02
N VAL D 169 5.56 1.79 -26.22
CA VAL D 169 6.30 3.02 -26.00
C VAL D 169 6.22 3.43 -24.52
N HIS D 170 7.36 3.67 -23.90
CA HIS D 170 7.38 4.32 -22.57
C HIS D 170 8.16 5.62 -22.66
N THR D 171 7.48 6.72 -22.35
CA THR D 171 8.15 8.00 -22.27
C THR D 171 8.22 8.41 -20.80
N PHE D 172 9.43 8.45 -20.27
CA PHE D 172 9.62 8.62 -18.83
C PHE D 172 9.35 10.06 -18.38
N PRO D 173 8.94 10.23 -17.12
CA PRO D 173 8.88 11.57 -16.56
C PRO D 173 10.27 12.19 -16.61
N ALA D 174 10.33 13.48 -16.92
CA ALA D 174 11.57 14.26 -16.91
C ALA D 174 12.19 14.30 -15.50
N VAL D 175 13.51 14.29 -15.43
CA VAL D 175 14.19 14.56 -14.17
C VAL D 175 14.93 15.88 -14.23
N LEU D 176 14.86 16.63 -13.14
CA LEU D 176 15.66 17.83 -13.00
C LEU D 176 17.08 17.38 -12.70
N GLN D 177 18.04 17.79 -13.53
CA GLN D 177 19.44 17.47 -13.27
C GLN D 177 20.03 18.52 -12.35
N SER D 178 21.16 18.20 -11.72
CA SER D 178 21.78 19.12 -10.75
C SER D 178 22.15 20.45 -11.39
N SER D 179 22.24 20.47 -12.71
CA SER D 179 22.51 21.67 -13.47
C SER D 179 21.30 22.58 -13.64
N GLY D 180 20.13 22.10 -13.22
CA GLY D 180 18.89 22.86 -13.38
C GLY D 180 18.28 22.70 -14.78
N LEU D 181 18.85 21.82 -15.59
CA LEU D 181 18.25 21.52 -16.88
C LEU D 181 17.53 20.19 -16.77
N TYR D 182 16.49 20.02 -17.59
CA TYR D 182 15.73 18.77 -17.58
C TYR D 182 16.32 17.72 -18.51
N SER D 183 16.03 16.47 -18.20
CA SER D 183 16.42 15.36 -19.06
C SER D 183 15.32 14.31 -19.07
N LEU D 184 15.18 13.61 -20.19
CA LEU D 184 14.07 12.68 -20.36
C LEU D 184 14.45 11.57 -21.34
N SER D 185 13.95 10.36 -21.11
CA SER D 185 14.12 9.25 -22.05
C SER D 185 12.77 8.70 -22.51
N SER D 186 12.74 8.29 -23.77
CA SER D 186 11.63 7.56 -24.35
C SER D 186 12.17 6.33 -25.06
N VAL D 187 11.59 5.18 -24.76
CA VAL D 187 12.05 3.92 -25.30
C VAL D 187 10.88 3.16 -25.93
N VAL D 188 11.17 2.18 -26.76
CA VAL D 188 10.14 1.32 -27.33
C VAL D 188 10.77 -0.05 -27.49
N THR D 189 9.96 -1.09 -27.41
CA THR D 189 10.45 -2.44 -27.66
C THR D 189 9.90 -2.91 -29.00
N VAL D 190 10.76 -3.50 -29.80
CA VAL D 190 10.39 -3.90 -31.15
C VAL D 190 10.97 -5.27 -31.42
N PRO D 191 10.36 -6.01 -32.38
CA PRO D 191 10.96 -7.31 -32.72
C PRO D 191 12.32 -7.04 -33.34
N SER D 192 13.33 -7.76 -32.88
CA SER D 192 14.67 -7.48 -33.32
C SER D 192 14.89 -7.85 -34.78
N SER D 193 14.01 -8.67 -35.35
CA SER D 193 14.19 -9.09 -36.75
C SER D 193 13.79 -7.96 -37.70
N SER D 194 13.18 -6.92 -37.15
CA SER D 194 12.73 -5.80 -37.95
C SER D 194 13.70 -4.60 -37.89
N LEU D 195 14.81 -4.73 -37.18
CA LEU D 195 15.78 -3.63 -37.07
C LEU D 195 16.46 -3.26 -38.39
N GLY D 196 16.45 -4.20 -39.34
CA GLY D 196 17.08 -3.99 -40.63
C GLY D 196 16.20 -3.22 -41.60
N THR D 197 14.93 -3.61 -41.69
CA THR D 197 14.01 -3.10 -42.72
C THR D 197 13.04 -2.00 -42.27
N GLN D 198 12.67 -1.98 -40.99
CA GLN D 198 11.74 -0.98 -40.50
C GLN D 198 12.52 0.20 -39.88
N THR D 199 12.11 1.43 -40.16
CA THR D 199 12.79 2.58 -39.56
C THR D 199 12.05 3.08 -38.33
N TYR D 200 12.83 3.40 -37.29
CA TYR D 200 12.27 3.94 -36.07
C TYR D 200 12.78 5.35 -35.83
N ILE D 201 11.84 6.29 -35.82
CA ILE D 201 12.17 7.69 -35.63
C ILE D 201 11.53 8.17 -34.33
N CYS D 202 12.29 8.83 -33.48
CA CYS D 202 11.63 9.53 -32.40
C CYS D 202 11.43 10.97 -32.83
N ASN D 203 10.20 11.46 -32.63
CA ASN D 203 9.92 12.84 -32.95
C ASN D 203 9.90 13.68 -31.69
N VAL D 204 10.85 14.60 -31.58
CA VAL D 204 10.99 15.36 -30.36
C VAL D 204 10.64 16.80 -30.65
N ASN D 205 9.82 17.39 -29.80
CA ASN D 205 9.43 18.76 -29.95
C ASN D 205 9.48 19.47 -28.60
N HIS D 206 10.34 20.48 -28.51
CA HIS D 206 10.40 21.33 -27.35
C HIS D 206 9.86 22.70 -27.72
N LYS D 207 8.56 22.90 -27.53
CA LYS D 207 7.91 24.16 -27.92
C LYS D 207 8.47 25.49 -27.35
N PRO D 208 8.85 25.54 -26.04
CA PRO D 208 9.37 26.81 -25.51
C PRO D 208 10.60 27.35 -26.26
N SER D 209 11.37 26.48 -26.90
CA SER D 209 12.51 26.92 -27.68
C SER D 209 12.31 26.73 -29.18
N ASN D 210 11.09 26.36 -29.57
CA ASN D 210 10.78 26.02 -30.96
C ASN D 210 11.78 25.05 -31.59
N THR D 211 12.27 24.11 -30.79
CA THR D 211 13.24 23.13 -31.24
C THR D 211 12.52 21.85 -31.60
N LYS D 212 12.70 21.40 -32.85
CA LYS D 212 12.05 20.20 -33.34
C LYS D 212 13.09 19.26 -33.93
N VAL D 213 13.09 18.00 -33.48
CA VAL D 213 14.08 17.04 -33.94
C VAL D 213 13.44 15.68 -34.25
N ASP D 214 13.68 15.17 -35.45
CA ASP D 214 13.37 13.80 -35.77
C ASP D 214 14.67 13.02 -35.81
N LYS D 215 14.80 12.05 -34.92
CA LYS D 215 16.03 11.29 -34.81
C LYS D 215 15.75 9.81 -35.08
N ARG D 216 16.46 9.25 -36.04
CA ARG D 216 16.39 7.82 -36.30
C ARG D 216 17.28 7.08 -35.32
N VAL D 217 16.78 5.97 -34.79
CA VAL D 217 17.56 5.20 -33.84
C VAL D 217 17.75 3.79 -34.38
N GLU D 218 19.00 3.37 -34.54
CA GLU D 218 19.31 2.03 -35.07
C GLU D 218 20.52 1.43 -34.35
N PRO D 219 20.71 0.11 -34.45
CA PRO D 219 21.89 -0.49 -33.81
C PRO D 219 23.19 0.03 -34.44
N LYS D 220 24.22 0.25 -33.62
CA LYS D 220 25.44 0.91 -34.10
C LYS D 220 26.51 -0.05 -34.66
CA MPT E 1 -0.34 12.55 -2.42
C MPT E 1 -0.10 14.00 -2.80
O MPT E 1 -0.84 14.89 -2.38
CB MPT E 1 0.51 12.21 -1.20
SG MPT E 1 0.72 10.45 -0.92
N GLN E 2 1.00 14.35 -3.50
CA GLN E 2 1.23 15.69 -3.98
C GLN E 2 1.24 15.72 -5.50
N PHE E 3 0.53 16.69 -6.06
CA PHE E 3 0.41 16.83 -7.51
C PHE E 3 1.76 17.12 -8.16
N ASP E 4 2.10 16.30 -9.16
CA ASP E 4 3.35 16.45 -9.87
C ASP E 4 3.11 17.02 -11.26
N LEU E 5 3.76 18.14 -11.55
CA LEU E 5 3.56 18.82 -12.81
C LEU E 5 4.02 18.02 -14.01
N SER E 6 5.03 17.16 -13.82
CA SER E 6 5.60 16.37 -14.93
C SER E 6 4.65 15.28 -15.45
N THR E 7 3.84 14.71 -14.55
CA THR E 7 2.98 13.59 -14.90
C THR E 7 1.49 13.93 -14.75
N ARG E 8 1.19 15.11 -14.21
CA ARG E 8 -0.18 15.45 -13.83
C ARG E 8 -0.78 14.34 -12.97
N ARG E 9 0.04 13.72 -12.14
CA ARG E 9 -0.44 12.70 -11.23
C ARG E 9 -0.01 13.00 -9.80
N LEU E 10 -0.76 12.46 -8.84
CA LEU E 10 -0.35 12.50 -7.45
C LEU E 10 0.89 11.62 -7.23
N LYS E 11 1.84 12.15 -6.53
CA LYS E 11 3.00 11.42 -6.26
C LYS E 11 3.12 11.39 -4.80
N CYS E 12 3.22 10.20 -4.27
CA CYS E 12 3.43 10.05 -2.85
C CYS E 12 4.89 9.87 -2.57
CA MPT F 1 -7.60 -9.83 3.64
C MPT F 1 -8.42 -10.85 4.39
O MPT F 1 -9.60 -10.63 4.66
CB MPT F 1 -7.19 -10.39 2.28
SG MPT F 1 -6.25 -9.22 1.28
N GLN F 2 -7.80 -11.98 4.70
CA GLN F 2 -8.49 -13.07 5.38
C GLN F 2 -7.89 -13.32 6.77
N PHE F 3 -8.76 -13.57 7.73
CA PHE F 3 -8.37 -13.77 9.13
C PHE F 3 -7.45 -14.97 9.30
N ASP F 4 -6.36 -14.78 10.05
CA ASP F 4 -5.38 -15.84 10.27
C ASP F 4 -5.42 -16.26 11.74
N LEU F 5 -5.73 -17.54 12.00
CA LEU F 5 -5.88 -18.02 13.37
C LEU F 5 -4.61 -17.96 14.20
N SER F 6 -3.46 -17.99 13.54
CA SER F 6 -2.20 -18.04 14.25
C SER F 6 -1.87 -16.70 14.88
N THR F 7 -2.24 -15.63 14.20
CA THR F 7 -1.88 -14.28 14.62
C THR F 7 -3.08 -13.41 14.98
N ARG F 8 -4.28 -13.91 14.70
CA ARG F 8 -5.52 -13.15 14.85
C ARG F 8 -5.49 -11.86 14.06
N ARG F 9 -4.79 -11.88 12.94
CA ARG F 9 -4.68 -10.71 12.10
C ARG F 9 -5.09 -11.02 10.68
N LEU F 10 -5.50 -10.02 9.93
CA LEU F 10 -5.84 -10.22 8.53
C LEU F 10 -4.56 -10.46 7.76
N LYS F 11 -4.61 -11.31 6.78
CA LYS F 11 -3.45 -11.64 5.99
C LYS F 11 -3.81 -11.73 4.56
N CYS F 12 -3.10 -11.00 3.75
CA CYS F 12 -3.42 -10.96 2.31
C CYS F 12 -2.55 -11.84 1.47
C1 NAG G . -19.01 -24.64 6.48
C2 NAG G . -19.32 -23.14 6.38
C3 NAG G . -20.81 -22.82 6.25
C4 NAG G . -21.50 -23.76 5.28
C5 NAG G . -21.14 -25.23 5.48
C6 NAG G . -21.68 -26.21 4.43
C7 NAG G . -17.81 -21.56 7.46
C8 NAG G . -17.45 -20.87 8.75
N2 NAG G . -18.80 -22.45 7.54
O3 NAG G . -20.97 -21.50 5.76
O4 NAG G . -22.89 -23.51 5.35
O5 NAG G . -19.74 -25.39 5.54
O6 NAG G . -20.97 -26.11 3.23
O7 NAG G . -17.21 -21.29 6.41
P PO4 H . 6.65 -8.02 17.73
O1 PO4 H . 6.05 -7.87 19.11
O2 PO4 H . 5.57 -7.89 16.68
O3 PO4 H . 7.66 -6.92 17.51
O4 PO4 H . 7.36 -9.36 17.61
P PO4 I . -0.29 -27.02 31.32
O1 PO4 I . -1.67 -26.62 30.80
O2 PO4 I . -0.38 -28.25 32.19
O3 PO4 I . 0.23 -25.83 32.11
O4 PO4 I . 0.65 -27.35 30.17
P PO4 J . 2.99 3.73 -20.13
O1 PO4 J . 1.85 3.96 -21.10
O2 PO4 J . 3.19 2.25 -19.94
O3 PO4 J . 4.26 4.30 -20.69
O4 PO4 J . 2.67 4.35 -18.79
P PO4 K . 7.27 24.25 -32.74
O1 PO4 K . 6.96 25.31 -31.70
O2 PO4 K . 6.10 23.30 -32.77
O3 PO4 K . 7.48 24.90 -34.10
O4 PO4 K . 8.54 23.51 -32.37
#